data_5W3J
#
_entry.id   5W3J
#
_cell.length_a   1
_cell.length_b   1
_cell.length_c   1
_cell.angle_alpha   90.00
_cell.angle_beta   90.00
_cell.angle_gamma   90.00
#
_symmetry.space_group_name_H-M   'P 1'
#
loop_
_entity.id
_entity.type
_entity.pdbx_description
1 polymer 'Tubulin alpha-1 chain'
2 polymer 'Tubulin beta chain'
3 non-polymer "GUANOSINE-5'-TRIPHOSPHATE"
4 non-polymer 'MAGNESIUM ION'
5 non-polymer "GUANOSINE-5'-DIPHOSPHATE"
6 non-polymer TAXOL
#
loop_
_entity_poly.entity_id
_entity_poly.type
_entity_poly.pdbx_seq_one_letter_code
_entity_poly.pdbx_strand_id
1 'polypeptide(L)'
;MREVISINVGQAGCQIGNACWELYSLEHGIKPDGHLEDGLSKPKGGEEGFSTFFHETGYGKFVPRAIYVDLEPNVIDEVR
NGPYKDLFHPEQLISGKEDAANNYARGHYTVGREILGDVLDRIRKLADQCDGLQGFLFTHSLGGGTGSGLGSLLLEELSA
EYGKKSKLEFAVYPAPQVSTSVVEPYNTVLTTHTTLEHADCTFMVDNEAIYDMCKRNLDIPRPSFANLNNLIAQVVSSVT
ASLRFDGSLNVDLNEFQTNLVPYPRIHFPLVSYSPVLSKSKAFHESNSVSEITNACFEPGNQMVKCDPRDGKYMATCLLY
RGDVVTRDVQRAVEQVKNKKTVQLVDWCPTGFKIGICYEPPTATPNSQLATVDRAVCMLSNTTSIAEAWKRIDRKFDLMY
AKRAFVHWYVGEGMEEGEFTEAREDLAALERDYIEVGADSYAEEEEF
;
A
2 'polypeptide(L)'
;MREIIHISTGQCGNQIGAKFWEVICDEHGLDFNGTYHGHDDIQKERLNVYFNEASSGKWVPRSINVDLEPGTIDAVRNSA
IGNLFRPDNYIFGQSSAGNVWAKGHYTEGAELVDSVMDVIRREAEGCDSLQGFQITHSLGGGTGSGMGTLLISKIREEFP
DRMMATFSVLPSPKTSDTVVEPYNATLSVHQLVEHSDETFCIDNEALYDICQRTLKLNQPSYGDLNHLVSSVMSGVTTSL
RYPGQLNSDLRKLAVNLVPFPRLHFFMVGFAPLTAIGSQSFRSLTVPELTQQMFDAKNMMAAADPRNGRYLTVAAFFRGK
VSVKEVEDEMHKVQSKNSDYFVEWIPNNVQTAVCSVAPQGLDMAATFIANSTSIQELFKRVGDQFSAMFKRKAFLHWYTS
EGMDELEFSEAESNMNDLVSEYQQYQEATVEDDEEVDENGDFGAPQNQDEPITENFE
;
B
#
loop_
_chem_comp.id
_chem_comp.type
_chem_comp.name
_chem_comp.formula
GDP RNA linking GUANOSINE-5'-DIPHOSPHATE 'C10 H15 N5 O11 P2'
GTP non-polymer GUANOSINE-5'-TRIPHOSPHATE 'C10 H16 N5 O14 P3'
MG non-polymer 'MAGNESIUM ION' 'Mg 2'
TA1 non-polymer TAXOL 'C47 H51 N O14'
#
# COMPACT_ATOMS: atom_id res chain seq x y z
N MET A 1 9.20 35.58 -1.09
CA MET A 1 8.40 36.72 -1.53
C MET A 1 7.19 36.92 -0.62
N ARG A 2 6.05 36.33 -1.01
CA ARG A 2 4.83 36.48 -0.24
C ARG A 2 4.22 35.11 0.08
N GLU A 3 3.17 34.73 -0.62
CA GLU A 3 2.48 33.48 -0.35
C GLU A 3 3.10 32.32 -1.12
N VAL A 4 3.08 31.15 -0.49
CA VAL A 4 3.59 29.92 -1.07
C VAL A 4 2.51 28.87 -1.01
N ILE A 5 2.15 28.30 -2.15
CA ILE A 5 1.11 27.28 -2.23
C ILE A 5 1.74 25.91 -1.97
N SER A 6 1.11 25.15 -1.08
CA SER A 6 1.57 23.82 -0.72
C SER A 6 0.57 22.78 -1.24
N ILE A 7 1.07 21.77 -1.94
CA ILE A 7 0.26 20.70 -2.50
C ILE A 7 0.76 19.38 -1.95
N ASN A 8 -0.16 18.57 -1.41
CA ASN A 8 0.15 17.28 -0.83
C ASN A 8 -0.69 16.21 -1.52
N VAL A 9 -0.03 15.30 -2.23
CA VAL A 9 -0.70 14.22 -2.94
C VAL A 9 -0.06 12.90 -2.55
N GLY A 10 -0.82 11.82 -2.74
CA GLY A 10 -0.34 10.49 -2.42
C GLY A 10 -0.63 10.08 -1.00
N GLN A 11 -0.16 8.87 -0.67
CA GLN A 11 -0.35 8.35 0.69
C GLN A 11 0.55 9.07 1.68
N ALA A 12 1.83 9.25 1.32
CA ALA A 12 2.75 9.95 2.22
C ALA A 12 2.49 11.44 2.23
N GLY A 13 1.90 11.98 1.17
CA GLY A 13 1.64 13.42 1.13
C GLY A 13 0.57 13.83 2.12
N CYS A 14 -0.50 13.04 2.24
CA CYS A 14 -1.58 13.36 3.18
C CYS A 14 -1.20 13.11 4.62
N GLN A 15 -0.23 12.23 4.89
CA GLN A 15 0.20 11.95 6.25
C GLN A 15 1.28 12.93 6.71
N ILE A 16 2.34 13.09 5.93
CA ILE A 16 3.41 14.03 6.28
C ILE A 16 2.91 15.46 6.19
N GLY A 17 1.98 15.73 5.27
CA GLY A 17 1.46 17.09 5.14
C GLY A 17 0.71 17.56 6.36
N ASN A 18 0.03 16.65 7.06
CA ASN A 18 -0.66 17.03 8.28
C ASN A 18 0.31 17.38 9.39
N ALA A 19 1.51 16.78 9.39
CA ALA A 19 2.52 17.10 10.38
C ALA A 19 3.23 18.42 10.09
N CYS A 20 3.23 18.87 8.83
CA CYS A 20 3.86 20.13 8.50
C CYS A 20 3.05 21.31 9.03
N TRP A 21 1.73 21.28 8.82
CA TRP A 21 0.87 22.34 9.33
C TRP A 21 0.73 22.30 10.85
N GLU A 22 0.95 21.14 11.47
CA GLU A 22 0.92 21.06 12.92
C GLU A 22 2.09 21.81 13.54
N LEU A 23 3.27 21.74 12.91
CA LEU A 23 4.43 22.48 13.39
C LEU A 23 4.32 23.96 13.06
N TYR A 24 3.68 24.31 11.93
CA TYR A 24 3.52 25.72 11.58
C TYR A 24 2.59 26.43 12.55
N SER A 25 1.53 25.75 12.99
CA SER A 25 0.60 26.35 13.94
C SER A 25 1.21 26.49 15.33
N LEU A 26 2.23 25.71 15.66
CA LEU A 26 2.89 25.83 16.96
C LEU A 26 3.90 26.96 16.98
N GLU A 27 4.59 27.18 15.86
CA GLU A 27 5.57 28.26 15.79
C GLU A 27 4.89 29.63 15.75
N HIS A 28 3.77 29.71 15.03
CA HIS A 28 3.03 30.97 14.90
C HIS A 28 1.95 31.13 15.97
N GLY A 29 1.71 30.11 16.78
CA GLY A 29 0.69 30.19 17.81
C GLY A 29 -0.72 30.26 17.24
N ILE A 30 -1.02 29.40 16.27
CA ILE A 30 -2.32 29.36 15.61
C ILE A 30 -3.15 28.25 16.23
N LYS A 31 -4.37 28.58 16.64
CA LYS A 31 -5.25 27.58 17.24
C LYS A 31 -5.72 26.61 16.17
N PRO A 32 -5.75 25.30 16.48
CA PRO A 32 -6.22 24.32 15.48
C PRO A 32 -7.66 24.53 15.05
N ASP A 33 -8.47 25.25 15.84
CA ASP A 33 -9.84 25.51 15.45
C ASP A 33 -9.97 26.60 14.40
N GLY A 34 -8.90 27.34 14.14
CA GLY A 34 -8.94 28.39 13.13
C GLY A 34 -9.11 29.78 13.72
N HIS A 35 -8.40 30.06 14.80
CA HIS A 35 -8.47 31.35 15.48
C HIS A 35 -7.05 31.91 15.64
N LEU A 36 -6.96 33.06 16.28
CA LEU A 36 -5.68 33.73 16.53
C LEU A 36 -5.33 33.80 18.01
N GLU A 37 -5.84 32.86 18.80
CA GLU A 37 -5.55 32.85 20.23
C GLU A 37 -4.07 32.56 20.48
N ASP A 38 -3.52 33.22 21.51
CA ASP A 38 -2.12 33.07 21.89
C ASP A 38 -1.20 33.44 20.73
N GLY A 39 -0.97 34.73 20.52
CA GLY A 39 -0.13 35.21 19.45
C GLY A 39 -0.19 36.71 19.26
N LEU A 40 -1.37 37.21 18.91
CA LEU A 40 -1.60 38.63 18.68
C LEU A 40 -0.65 39.18 17.63
N SER A 41 0.28 40.04 18.04
CA SER A 41 1.25 40.62 17.10
C SER A 41 2.54 39.81 17.10
N LYS A 42 3.68 40.50 16.99
CA LYS A 42 5.02 39.94 17.00
C LYS A 42 5.27 39.09 15.76
N PRO A 43 6.53 38.91 15.36
CA PRO A 43 6.82 38.06 14.18
C PRO A 43 6.42 36.61 14.37
N LYS A 44 6.19 36.17 15.61
CA LYS A 44 5.79 34.79 15.89
C LYS A 44 4.27 34.60 15.80
N GLY A 45 3.61 35.31 14.89
CA GLY A 45 2.18 35.18 14.73
C GLY A 45 1.48 36.49 14.41
N GLY A 46 2.18 37.38 13.72
CA GLY A 46 1.62 38.66 13.35
C GLY A 46 1.51 38.86 11.85
N GLU A 47 1.88 40.05 11.38
CA GLU A 47 1.81 40.33 9.95
C GLU A 47 2.81 39.47 9.18
N GLU A 48 4.01 39.29 9.73
CA GLU A 48 5.01 38.45 9.09
C GLU A 48 4.77 36.97 9.30
N GLY A 49 3.81 36.60 10.17
CA GLY A 49 3.50 35.20 10.40
C GLY A 49 2.28 34.73 9.65
N PHE A 50 1.30 35.63 9.48
CA PHE A 50 0.09 35.27 8.74
C PHE A 50 0.38 35.07 7.25
N SER A 51 1.35 35.81 6.71
CA SER A 51 1.71 35.65 5.32
C SER A 51 2.44 34.33 5.11
N THR A 52 2.46 33.88 3.85
CA THR A 52 3.07 32.62 3.42
C THR A 52 2.36 31.41 4.02
N PHE A 53 2.17 30.37 3.19
CA PHE A 53 1.50 29.14 3.60
C PHE A 53 0.06 29.40 4.03
N PHE A 54 -0.12 30.08 5.16
CA PHE A 54 -1.46 30.40 5.65
C PHE A 54 -2.07 31.52 4.81
N HIS A 55 -3.34 31.82 5.10
CA HIS A 55 -4.06 32.86 4.38
C HIS A 55 -5.04 33.52 5.34
N GLU A 56 -5.14 34.84 5.28
CA GLU A 56 -6.03 35.61 6.12
C GLU A 56 -7.37 35.81 5.41
N THR A 57 -8.45 35.36 6.04
CA THR A 57 -9.80 35.50 5.51
C THR A 57 -10.57 36.47 6.39
N GLY A 58 -11.84 36.21 6.72
CA GLY A 58 -12.63 37.08 7.55
C GLY A 58 -13.00 36.44 8.88
N TYR A 59 -13.70 37.21 9.71
CA TYR A 59 -14.18 36.77 11.02
C TYR A 59 -13.03 36.32 11.91
N GLY A 60 -11.84 36.91 11.73
CA GLY A 60 -10.69 36.56 12.53
C GLY A 60 -10.17 35.15 12.32
N LYS A 61 -10.54 34.52 11.22
CA LYS A 61 -10.12 33.16 10.92
C LYS A 61 -8.97 33.15 9.92
N PHE A 62 -8.16 32.10 10.00
CA PHE A 62 -7.00 31.93 9.12
C PHE A 62 -6.98 30.50 8.61
N VAL A 63 -7.06 30.34 7.30
CA VAL A 63 -7.07 29.02 6.67
C VAL A 63 -5.79 28.86 5.85
N PRO A 64 -5.23 27.66 5.77
CA PRO A 64 -4.03 27.43 4.96
C PRO A 64 -4.37 27.33 3.48
N ARG A 65 -3.35 27.06 2.68
CA ARG A 65 -3.48 26.92 1.23
C ARG A 65 -3.18 25.49 0.77
N ALA A 66 -3.37 24.51 1.64
CA ALA A 66 -3.07 23.13 1.31
C ALA A 66 -4.18 22.54 0.46
N ILE A 67 -3.79 21.73 -0.53
CA ILE A 67 -4.72 21.06 -1.43
C ILE A 67 -4.42 19.57 -1.36
N TYR A 68 -5.24 18.83 -0.62
CA TYR A 68 -5.06 17.39 -0.45
C TYR A 68 -5.80 16.67 -1.58
N VAL A 69 -5.06 16.04 -2.46
CA VAL A 69 -5.61 15.28 -3.59
C VAL A 69 -5.07 13.86 -3.48
N ASP A 70 -5.94 12.94 -3.04
CA ASP A 70 -5.58 11.54 -2.90
C ASP A 70 -6.60 10.67 -3.62
N LEU A 71 -6.11 9.61 -4.26
CA LEU A 71 -6.96 8.68 -5.00
C LEU A 71 -7.50 7.55 -4.13
N GLU A 72 -7.52 7.73 -2.80
CA GLU A 72 -8.02 6.73 -1.87
C GLU A 72 -8.86 7.43 -0.83
N PRO A 73 -10.15 7.08 -0.69
CA PRO A 73 -10.99 7.76 0.31
C PRO A 73 -10.70 7.33 1.74
N ASN A 74 -9.91 6.29 1.95
CA ASN A 74 -9.61 5.82 3.30
C ASN A 74 -8.57 6.67 4.02
N VAL A 75 -8.07 7.73 3.39
CA VAL A 75 -7.08 8.62 3.99
C VAL A 75 -7.64 10.02 4.20
N ILE A 76 -8.36 10.54 3.21
CA ILE A 76 -8.92 11.89 3.34
C ILE A 76 -10.04 11.91 4.37
N ASP A 77 -10.87 10.86 4.40
CA ASP A 77 -11.96 10.79 5.38
C ASP A 77 -11.45 10.64 6.80
N GLU A 78 -10.23 10.11 6.98
CA GLU A 78 -9.68 9.99 8.33
C GLU A 78 -9.25 11.34 8.89
N VAL A 79 -8.79 12.25 8.03
CA VAL A 79 -8.37 13.57 8.49
C VAL A 79 -9.58 14.39 8.93
N ARG A 80 -10.74 14.17 8.31
CA ARG A 80 -11.94 14.91 8.69
C ARG A 80 -12.40 14.55 10.10
N ASN A 81 -12.15 13.32 10.54
CA ASN A 81 -12.54 12.87 11.86
C ASN A 81 -11.49 13.18 12.93
N GLY A 82 -10.41 13.86 12.57
CA GLY A 82 -9.37 14.19 13.51
C GLY A 82 -9.57 15.57 14.11
N PRO A 83 -8.65 15.97 14.99
CA PRO A 83 -8.77 17.30 15.61
C PRO A 83 -8.47 18.43 14.65
N TYR A 84 -7.69 18.20 13.61
CA TYR A 84 -7.37 19.23 12.62
C TYR A 84 -8.33 19.17 11.44
N LYS A 85 -9.60 19.48 11.73
CA LYS A 85 -10.64 19.48 10.73
C LYS A 85 -11.22 20.87 10.44
N ASP A 86 -10.81 21.89 11.20
CA ASP A 86 -11.31 23.24 11.00
C ASP A 86 -10.26 24.17 10.39
N LEU A 87 -9.04 23.68 10.16
CA LEU A 87 -8.00 24.50 9.56
C LEU A 87 -8.27 24.76 8.08
N PHE A 88 -8.01 23.75 7.25
CA PHE A 88 -8.22 23.89 5.82
C PHE A 88 -9.71 23.94 5.49
N HIS A 89 -10.01 24.51 4.32
CA HIS A 89 -11.39 24.65 3.90
C HIS A 89 -11.93 23.28 3.45
N PRO A 90 -13.20 22.98 3.75
CA PRO A 90 -13.76 21.68 3.33
C PRO A 90 -13.77 21.47 1.82
N GLU A 91 -13.90 22.54 1.04
CA GLU A 91 -13.88 22.41 -0.41
C GLU A 91 -12.51 22.08 -0.95
N GLN A 92 -11.45 22.28 -0.16
CA GLN A 92 -10.10 21.95 -0.61
C GLN A 92 -9.84 20.45 -0.63
N LEU A 93 -10.67 19.67 0.05
CA LEU A 93 -10.52 18.22 0.09
C LEU A 93 -11.30 17.61 -1.06
N ILE A 94 -10.59 17.00 -2.01
CA ILE A 94 -11.19 16.35 -3.17
C ILE A 94 -10.83 14.88 -3.11
N SER A 95 -11.81 14.05 -2.78
CA SER A 95 -11.61 12.61 -2.66
C SER A 95 -12.00 11.93 -3.97
N GLY A 96 -11.80 10.60 -4.01
CA GLY A 96 -12.12 9.82 -5.18
C GLY A 96 -12.89 8.57 -4.80
N LYS A 97 -13.46 7.93 -5.82
CA LYS A 97 -14.26 6.72 -5.65
C LYS A 97 -13.61 5.50 -6.30
N GLU A 98 -12.35 5.59 -6.72
CA GLU A 98 -11.65 4.48 -7.35
C GLU A 98 -10.20 4.51 -6.89
N ASP A 99 -9.78 3.49 -6.16
CA ASP A 99 -8.40 3.40 -5.67
C ASP A 99 -7.49 2.97 -6.81
N ALA A 100 -6.46 3.77 -7.08
CA ALA A 100 -5.49 3.46 -8.12
C ALA A 100 -4.43 2.47 -7.67
N ALA A 101 -4.45 2.06 -6.40
CA ALA A 101 -3.50 1.10 -5.85
C ALA A 101 -2.10 1.69 -6.00
N ASN A 102 -1.10 0.93 -6.45
CA ASN A 102 0.26 1.42 -6.64
C ASN A 102 0.69 1.24 -8.09
N ASN A 103 -0.20 1.54 -9.02
CA ASN A 103 0.06 1.41 -10.45
C ASN A 103 0.21 2.80 -11.06
N TYR A 104 1.31 3.01 -11.78
CA TYR A 104 1.59 4.31 -12.38
C TYR A 104 0.72 4.57 -13.61
N ALA A 105 0.27 3.53 -14.31
CA ALA A 105 -0.50 3.71 -15.53
C ALA A 105 -1.91 4.23 -15.26
N ARG A 106 -2.58 3.72 -14.21
CA ARG A 106 -3.94 4.14 -13.94
C ARG A 106 -4.01 5.55 -13.39
N GLY A 107 -3.08 5.92 -12.52
CA GLY A 107 -3.06 7.25 -11.94
C GLY A 107 -2.47 8.34 -12.80
N HIS A 108 -2.31 8.10 -14.10
CA HIS A 108 -1.72 9.09 -14.99
C HIS A 108 -2.53 9.21 -16.28
N TYR A 109 -3.26 8.16 -16.64
CA TYR A 109 -4.03 8.14 -17.87
C TYR A 109 -5.52 7.96 -17.64
N THR A 110 -5.93 7.02 -16.79
CA THR A 110 -7.34 6.78 -16.55
C THR A 110 -7.82 7.53 -15.32
N VAL A 111 -7.49 7.04 -14.13
CA VAL A 111 -7.95 7.68 -12.90
C VAL A 111 -7.27 9.02 -12.70
N GLY A 112 -6.04 9.18 -13.20
CA GLY A 112 -5.32 10.43 -13.01
C GLY A 112 -5.93 11.59 -13.77
N ARG A 113 -6.62 11.31 -14.88
CA ARG A 113 -7.23 12.36 -15.69
C ARG A 113 -8.69 12.61 -15.33
N GLU A 114 -9.29 11.79 -14.47
CA GLU A 114 -10.67 12.04 -14.05
C GLU A 114 -10.76 13.23 -13.11
N ILE A 115 -9.77 13.39 -12.23
CA ILE A 115 -9.74 14.51 -11.29
C ILE A 115 -8.76 15.59 -11.72
N LEU A 116 -8.06 15.41 -12.84
CA LEU A 116 -7.12 16.42 -13.31
C LEU A 116 -7.84 17.70 -13.70
N GLY A 117 -9.04 17.57 -14.27
CA GLY A 117 -9.80 18.75 -14.65
C GLY A 117 -10.37 19.53 -13.48
N ASP A 118 -10.42 18.91 -12.30
CA ASP A 118 -10.93 19.57 -11.10
C ASP A 118 -9.85 20.12 -10.19
N VAL A 119 -8.64 19.53 -10.22
CA VAL A 119 -7.57 20.02 -9.37
C VAL A 119 -6.97 21.30 -9.95
N LEU A 120 -7.03 21.48 -11.27
CA LEU A 120 -6.49 22.70 -11.87
C LEU A 120 -7.36 23.91 -11.56
N ASP A 121 -8.65 23.70 -11.32
CA ASP A 121 -9.53 24.82 -11.00
C ASP A 121 -9.29 25.32 -9.58
N ARG A 122 -8.90 24.43 -8.66
CA ARG A 122 -8.63 24.85 -7.29
C ARG A 122 -7.33 25.63 -7.21
N ILE A 123 -6.34 25.27 -8.00
CA ILE A 123 -5.06 25.99 -7.98
C ILE A 123 -5.21 27.35 -8.64
N ARG A 124 -6.05 27.44 -9.67
CA ARG A 124 -6.24 28.72 -10.36
C ARG A 124 -6.96 29.72 -9.46
N LYS A 125 -7.99 29.27 -8.74
CA LYS A 125 -8.70 30.19 -7.84
C LYS A 125 -7.86 30.54 -6.62
N LEU A 126 -6.93 29.67 -6.23
CA LEU A 126 -6.07 29.95 -5.09
C LEU A 126 -4.93 30.89 -5.44
N ALA A 127 -4.41 30.80 -6.67
CA ALA A 127 -3.32 31.67 -7.08
C ALA A 127 -3.78 33.11 -7.26
N ASP A 128 -5.07 33.31 -7.56
CA ASP A 128 -5.57 34.67 -7.73
C ASP A 128 -5.65 35.41 -6.40
N GLN A 129 -5.79 34.69 -5.29
CA GLN A 129 -5.84 35.30 -3.98
C GLN A 129 -4.46 35.59 -3.40
N CYS A 130 -3.39 35.19 -4.08
CA CYS A 130 -2.03 35.41 -3.60
C CYS A 130 -1.50 36.70 -4.22
N ASP A 131 -1.33 37.73 -3.38
CA ASP A 131 -0.80 39.02 -3.84
C ASP A 131 0.70 38.87 -4.03
N GLY A 132 1.07 38.33 -5.20
CA GLY A 132 2.46 38.08 -5.51
C GLY A 132 2.89 36.67 -5.18
N LEU A 133 2.48 35.72 -6.01
CA LEU A 133 2.82 34.32 -5.76
C LEU A 133 4.31 34.08 -6.02
N GLN A 134 4.96 33.36 -5.10
CA GLN A 134 6.38 33.06 -5.22
C GLN A 134 6.60 31.77 -5.99
N GLY A 135 6.25 30.65 -5.39
CA GLY A 135 6.42 29.34 -6.00
C GLY A 135 5.36 28.38 -5.50
N PHE A 136 5.69 27.09 -5.54
CA PHE A 136 4.79 26.02 -5.10
C PHE A 136 5.56 25.06 -4.21
N LEU A 137 4.83 24.07 -3.68
CA LEU A 137 5.41 23.08 -2.80
C LEU A 137 4.69 21.76 -3.01
N PHE A 138 5.42 20.72 -3.39
CA PHE A 138 4.87 19.40 -3.65
C PHE A 138 5.44 18.39 -2.67
N THR A 139 4.68 17.32 -2.44
CA THR A 139 5.09 16.22 -1.55
C THR A 139 4.75 14.91 -2.25
N HIS A 140 5.73 14.36 -2.95
CA HIS A 140 5.54 13.12 -3.71
C HIS A 140 5.92 11.91 -2.87
N SER A 141 5.73 10.73 -3.45
CA SER A 141 6.05 9.47 -2.79
C SER A 141 6.31 8.43 -3.88
N LEU A 142 7.57 8.31 -4.26
CA LEU A 142 7.97 7.36 -5.30
C LEU A 142 7.83 5.94 -4.77
N GLY A 143 6.82 5.22 -5.25
CA GLY A 143 6.59 3.86 -4.82
C GLY A 143 5.13 3.44 -4.93
N GLY A 144 4.30 4.32 -5.48
CA GLY A 144 2.89 4.02 -5.65
C GLY A 144 2.31 4.54 -6.94
N GLY A 145 1.00 4.73 -6.99
CA GLY A 145 0.33 5.21 -8.18
C GLY A 145 -0.29 6.59 -8.02
N THR A 146 -0.55 6.97 -6.76
CA THR A 146 -1.14 8.28 -6.50
C THR A 146 -0.07 9.34 -6.32
N GLY A 147 0.92 9.07 -5.46
CA GLY A 147 2.00 10.02 -5.24
C GLY A 147 3.00 10.08 -6.38
N SER A 148 2.95 9.12 -7.30
CA SER A 148 3.86 9.08 -8.44
C SER A 148 3.16 9.39 -9.76
N GLY A 149 1.98 8.82 -9.97
CA GLY A 149 1.23 9.06 -11.19
C GLY A 149 0.55 10.40 -11.22
N LEU A 150 -0.30 10.67 -10.22
CA LEU A 150 -1.00 11.95 -10.17
C LEU A 150 -0.04 13.10 -9.87
N GLY A 151 1.04 12.83 -9.14
CA GLY A 151 2.00 13.88 -8.85
C GLY A 151 2.76 14.34 -10.09
N SER A 152 3.17 13.39 -10.94
CA SER A 152 3.86 13.76 -12.17
C SER A 152 2.91 14.36 -13.20
N LEU A 153 1.64 13.99 -13.15
CA LEU A 153 0.67 14.55 -14.09
C LEU A 153 0.29 15.98 -13.70
N LEU A 154 0.15 16.24 -12.40
CA LEU A 154 -0.19 17.59 -11.96
C LEU A 154 0.98 18.55 -12.13
N LEU A 155 2.21 18.06 -11.96
CA LEU A 155 3.38 18.92 -12.12
C LEU A 155 3.57 19.32 -13.57
N GLU A 156 3.22 18.44 -14.52
CA GLU A 156 3.37 18.78 -15.93
C GLU A 156 2.35 19.84 -16.36
N GLU A 157 1.12 19.73 -15.88
CA GLU A 157 0.09 20.71 -16.22
C GLU A 157 0.31 22.04 -15.51
N LEU A 158 0.93 22.02 -14.33
CA LEU A 158 1.18 23.26 -13.60
C LEU A 158 2.39 24.01 -14.14
N SER A 159 3.41 23.29 -14.63
CA SER A 159 4.58 23.96 -15.17
C SER A 159 4.29 24.62 -16.51
N ALA A 160 3.32 24.09 -17.26
CA ALA A 160 2.99 24.69 -18.55
C ALA A 160 2.09 25.91 -18.38
N GLU A 161 1.32 25.97 -17.30
CA GLU A 161 0.44 27.12 -17.07
C GLU A 161 1.24 28.31 -16.53
N TYR A 162 2.10 28.06 -15.55
CA TYR A 162 2.92 29.12 -14.96
C TYR A 162 4.28 29.18 -15.63
N GLY A 163 5.28 28.54 -15.02
CA GLY A 163 6.62 28.52 -15.58
C GLY A 163 7.69 29.02 -14.64
N LYS A 164 7.75 30.33 -14.44
CA LYS A 164 8.75 30.95 -13.58
C LYS A 164 8.29 30.96 -12.13
N LYS A 165 8.16 29.76 -11.57
CA LYS A 165 7.73 29.57 -10.20
C LYS A 165 8.64 28.57 -9.51
N SER A 166 9.02 28.87 -8.27
CA SER A 166 9.87 27.99 -7.48
C SER A 166 9.05 26.78 -7.03
N LYS A 167 9.03 25.77 -7.88
CA LYS A 167 8.25 24.56 -7.63
C LYS A 167 9.09 23.59 -6.81
N LEU A 168 8.98 23.69 -5.48
CA LEU A 168 9.69 22.80 -4.59
C LEU A 168 9.02 21.43 -4.57
N GLU A 169 9.78 20.42 -4.13
CA GLU A 169 9.28 19.06 -4.07
C GLU A 169 10.02 18.29 -2.99
N PHE A 170 9.27 17.57 -2.16
CA PHE A 170 9.85 16.74 -1.12
C PHE A 170 9.47 15.28 -1.31
N ALA A 171 9.98 14.67 -2.38
CA ALA A 171 9.65 13.29 -2.69
C ALA A 171 10.35 12.34 -1.72
N VAL A 172 9.86 11.10 -1.67
CA VAL A 172 10.40 10.06 -0.82
C VAL A 172 10.89 8.93 -1.71
N TYR A 173 12.20 8.83 -1.88
CA TYR A 173 12.79 7.78 -2.70
C TYR A 173 12.76 6.44 -1.97
N PRO A 174 12.63 5.34 -2.70
CA PRO A 174 12.63 4.02 -2.05
C PRO A 174 13.95 3.73 -1.37
N ALA A 175 13.89 2.91 -0.32
CA ALA A 175 15.09 2.53 0.41
C ALA A 175 15.87 1.49 -0.38
N PRO A 176 17.20 1.65 -0.50
CA PRO A 176 17.97 0.67 -1.29
C PRO A 176 18.04 -0.72 -0.67
N GLN A 177 17.70 -0.85 0.62
CA GLN A 177 17.79 -2.14 1.30
C GLN A 177 16.39 -2.69 1.43
N VAL A 178 15.67 -2.41 2.52
CA VAL A 178 14.34 -2.95 2.74
C VAL A 178 13.33 -2.14 1.94
N SER A 179 12.55 -2.83 1.10
CA SER A 179 11.52 -2.21 0.29
C SER A 179 10.15 -2.49 0.89
N THR A 180 9.15 -1.73 0.41
CA THR A 180 7.78 -1.87 0.88
C THR A 180 6.78 -2.24 -0.20
N SER A 181 7.20 -2.29 -1.47
CA SER A 181 6.30 -2.62 -2.56
C SER A 181 7.03 -3.51 -3.56
N VAL A 182 6.25 -4.22 -4.37
CA VAL A 182 6.79 -5.11 -5.38
C VAL A 182 7.08 -4.38 -6.69
N VAL A 183 6.14 -3.55 -7.13
CA VAL A 183 6.31 -2.77 -8.36
C VAL A 183 6.86 -1.40 -8.00
N GLU A 184 7.66 -1.34 -6.93
CA GLU A 184 8.22 -0.06 -6.50
C GLU A 184 9.24 0.50 -7.48
N PRO A 185 10.20 -0.27 -8.00
CA PRO A 185 11.14 0.31 -8.98
C PRO A 185 10.48 0.71 -10.29
N TYR A 186 9.31 0.14 -10.63
CA TYR A 186 8.62 0.55 -11.83
C TYR A 186 8.07 1.97 -11.70
N ASN A 187 7.60 2.33 -10.50
CA ASN A 187 7.07 3.67 -10.26
C ASN A 187 8.16 4.69 -9.96
N THR A 188 9.42 4.27 -9.91
CA THR A 188 10.53 5.19 -9.64
C THR A 188 11.18 5.69 -10.93
N VAL A 189 11.41 4.80 -11.89
CA VAL A 189 12.02 5.22 -13.16
C VAL A 189 11.05 6.07 -13.96
N LEU A 190 9.77 5.70 -13.97
CA LEU A 190 8.77 6.47 -14.71
C LEU A 190 8.51 7.83 -14.09
N THR A 191 8.76 7.99 -12.79
CA THR A 191 8.53 9.26 -12.13
C THR A 191 9.66 10.24 -12.41
N THR A 192 10.91 9.77 -12.36
CA THR A 192 12.06 10.64 -12.60
C THR A 192 12.20 11.05 -14.06
N HIS A 193 11.48 10.39 -14.97
CA HIS A 193 11.56 10.77 -16.39
C HIS A 193 10.90 12.11 -16.64
N THR A 194 9.81 12.42 -15.93
CA THR A 194 9.11 13.69 -16.09
C THR A 194 9.40 14.68 -14.96
N THR A 195 10.00 14.23 -13.86
CA THR A 195 10.30 15.13 -12.76
C THR A 195 11.53 15.99 -13.07
N LEU A 196 12.50 15.41 -13.77
CA LEU A 196 13.73 16.15 -14.09
C LEU A 196 13.47 17.26 -15.11
N GLU A 197 12.53 17.05 -16.03
CA GLU A 197 12.23 18.00 -17.08
C GLU A 197 11.10 18.97 -16.72
N HIS A 198 10.77 19.09 -15.43
CA HIS A 198 9.70 19.99 -15.00
C HIS A 198 10.03 20.61 -13.64
N ALA A 199 10.33 19.78 -12.66
CA ALA A 199 10.64 20.29 -11.33
C ALA A 199 12.00 20.99 -11.31
N ASP A 200 12.14 21.93 -10.39
CA ASP A 200 13.37 22.71 -10.24
C ASP A 200 14.21 22.28 -9.05
N CYS A 201 13.61 21.70 -8.01
CA CYS A 201 14.36 21.25 -6.84
C CYS A 201 13.53 20.19 -6.13
N THR A 202 14.08 18.99 -6.03
CA THR A 202 13.40 17.85 -5.42
C THR A 202 14.23 17.33 -4.26
N PHE A 203 13.81 17.65 -3.04
CA PHE A 203 14.49 17.15 -1.85
C PHE A 203 14.13 15.70 -1.62
N MET A 204 15.13 14.83 -1.56
CA MET A 204 14.92 13.40 -1.40
C MET A 204 15.15 12.99 0.06
N VAL A 205 14.31 12.08 0.54
CA VAL A 205 14.43 11.54 1.89
C VAL A 205 14.23 10.03 1.82
N ASP A 206 14.92 9.31 2.70
CA ASP A 206 14.85 7.86 2.77
C ASP A 206 14.17 7.46 4.06
N ASN A 207 13.21 6.53 3.97
CA ASN A 207 12.50 6.07 5.16
C ASN A 207 13.38 5.18 6.03
N GLU A 208 14.35 4.48 5.42
CA GLU A 208 15.24 3.61 6.18
C GLU A 208 16.25 4.41 7.00
N ALA A 209 16.70 5.56 6.49
CA ALA A 209 17.68 6.35 7.22
C ALA A 209 17.09 7.00 8.46
N ILE A 210 15.79 7.31 8.44
CA ILE A 210 15.16 7.91 9.61
C ILE A 210 15.06 6.90 10.75
N TYR A 211 14.93 5.61 10.40
CA TYR A 211 14.90 4.57 11.44
C TYR A 211 16.22 4.49 12.19
N ASP A 212 17.34 4.77 11.51
CA ASP A 212 18.63 4.78 12.18
C ASP A 212 18.85 6.03 13.01
N MET A 213 18.23 7.14 12.62
CA MET A 213 18.36 8.39 13.36
C MET A 213 17.48 8.44 14.60
N CYS A 214 16.59 7.47 14.79
CA CYS A 214 15.72 7.42 15.95
C CYS A 214 16.03 6.29 16.91
N LYS A 215 16.67 5.22 16.44
CA LYS A 215 17.01 4.08 17.29
C LYS A 215 18.36 4.26 17.98
N ARG A 216 19.35 4.83 17.27
CA ARG A 216 20.67 5.03 17.84
C ARG A 216 20.82 6.42 18.48
N ASN A 217 20.24 7.45 17.87
CA ASN A 217 20.33 8.81 18.40
C ASN A 217 19.22 9.09 19.40
N LEU A 218 17.96 9.04 18.95
CA LEU A 218 16.83 9.30 19.84
C LEU A 218 16.53 8.13 20.77
N ASP A 219 17.11 6.95 20.52
CA ASP A 219 16.91 5.78 21.36
C ASP A 219 15.43 5.40 21.46
N ILE A 220 14.71 5.54 20.36
CA ILE A 220 13.29 5.19 20.31
C ILE A 220 13.17 3.69 20.12
N PRO A 221 12.55 2.97 21.05
CA PRO A 221 12.45 1.50 20.88
C PRO A 221 11.48 1.09 19.80
N ARG A 222 10.32 1.73 19.72
CA ARG A 222 9.28 1.38 18.75
C ARG A 222 8.89 2.62 17.95
N PRO A 223 9.68 2.99 16.94
CA PRO A 223 9.32 4.14 16.11
C PRO A 223 8.31 3.76 15.05
N SER A 224 7.39 4.70 14.78
CA SER A 224 6.36 4.50 13.78
C SER A 224 6.28 5.68 12.83
N PHE A 225 5.24 5.74 12.01
CA PHE A 225 5.08 6.84 11.07
C PHE A 225 4.73 8.15 11.77
N ALA A 226 4.30 8.10 13.03
CA ALA A 226 3.99 9.32 13.76
C ALA A 226 5.25 10.13 14.09
N ASN A 227 6.41 9.48 14.13
CA ASN A 227 7.67 10.17 14.41
C ASN A 227 8.46 10.49 13.14
N LEU A 228 8.27 9.71 12.07
CA LEU A 228 8.97 10.00 10.82
C LEU A 228 8.45 11.27 10.16
N ASN A 229 7.16 11.56 10.31
CA ASN A 229 6.58 12.76 9.72
C ASN A 229 7.00 14.03 10.45
N ASN A 230 7.42 13.92 11.71
CA ASN A 230 7.84 15.10 12.46
C ASN A 230 9.24 15.57 12.06
N LEU A 231 10.13 14.64 11.71
CA LEU A 231 11.47 15.02 11.30
C LEU A 231 11.47 15.68 9.93
N ILE A 232 10.62 15.19 9.02
CA ILE A 232 10.54 15.77 7.69
C ILE A 232 9.87 17.14 7.74
N ALA A 233 8.91 17.33 8.66
CA ALA A 233 8.25 18.62 8.78
C ALA A 233 9.19 19.70 9.27
N GLN A 234 10.20 19.34 10.05
CA GLN A 234 11.16 20.33 10.52
C GLN A 234 12.11 20.76 9.41
N VAL A 235 12.31 19.92 8.39
CA VAL A 235 13.17 20.27 7.28
C VAL A 235 12.50 21.30 6.39
N VAL A 236 11.20 21.13 6.12
CA VAL A 236 10.47 22.08 5.30
C VAL A 236 10.33 23.41 6.01
N SER A 237 10.19 23.39 7.34
CA SER A 237 10.08 24.62 8.10
C SER A 237 11.40 25.36 8.20
N SER A 238 12.54 24.67 8.04
CA SER A 238 13.83 25.32 8.12
C SER A 238 14.20 26.03 6.82
N VAL A 239 13.66 25.59 5.70
CA VAL A 239 13.96 26.23 4.42
C VAL A 239 13.27 27.58 4.32
N THR A 240 11.97 27.61 4.64
CA THR A 240 11.19 28.84 4.59
C THR A 240 11.21 29.61 5.91
N ALA A 241 12.22 29.38 6.75
CA ALA A 241 12.29 30.09 8.02
C ALA A 241 12.78 31.52 7.83
N SER A 242 13.61 31.76 6.81
CA SER A 242 14.12 33.10 6.58
C SER A 242 13.05 34.01 5.97
N LEU A 243 12.08 33.42 5.25
CA LEU A 243 11.02 34.21 4.64
C LEU A 243 9.86 34.48 5.59
N ARG A 244 9.55 33.54 6.48
CA ARG A 244 8.47 33.72 7.43
C ARG A 244 8.87 34.49 8.69
N PHE A 245 10.17 34.79 8.84
CA PHE A 245 10.64 35.56 9.98
C PHE A 245 11.71 36.56 9.56
N ASP A 246 12.58 36.93 10.48
CA ASP A 246 13.66 37.86 10.21
C ASP A 246 15.00 37.21 10.57
N GLY A 247 16.08 37.87 10.17
CA GLY A 247 17.40 37.35 10.44
C GLY A 247 18.46 38.25 9.82
N SER A 248 19.71 37.87 10.06
CA SER A 248 20.84 38.64 9.52
C SER A 248 21.03 38.40 8.03
N LEU A 249 20.86 37.16 7.57
CA LEU A 249 21.03 36.81 6.16
C LEU A 249 19.74 36.16 5.67
N ASN A 250 18.86 36.97 5.06
CA ASN A 250 17.60 36.48 4.53
C ASN A 250 17.86 35.66 3.27
N VAL A 251 17.35 34.43 3.24
CA VAL A 251 17.53 33.53 2.11
C VAL A 251 16.17 33.26 1.48
N ASP A 252 16.05 33.57 0.20
CA ASP A 252 14.82 33.35 -0.55
C ASP A 252 14.85 31.98 -1.24
N LEU A 253 13.68 31.51 -1.64
CA LEU A 253 13.59 30.22 -2.31
C LEU A 253 14.26 30.25 -3.67
N ASN A 254 14.38 31.43 -4.29
CA ASN A 254 15.05 31.55 -5.57
C ASN A 254 16.57 31.39 -5.45
N GLU A 255 17.11 31.54 -4.25
CA GLU A 255 18.55 31.39 -4.05
C GLU A 255 18.98 29.93 -3.94
N PHE A 256 18.06 29.03 -3.60
CA PHE A 256 18.40 27.61 -3.50
C PHE A 256 18.62 26.97 -4.87
N GLN A 257 18.13 27.59 -5.94
CA GLN A 257 18.28 27.07 -7.30
C GLN A 257 19.43 27.72 -8.05
N THR A 258 20.17 28.63 -7.42
CA THR A 258 21.29 29.30 -8.06
C THR A 258 22.64 28.84 -7.52
N ASN A 259 22.81 28.85 -6.20
CA ASN A 259 24.07 28.43 -5.59
C ASN A 259 24.15 26.91 -5.40
N LEU A 260 23.14 26.16 -5.82
CA LEU A 260 23.15 24.72 -5.67
C LEU A 260 22.94 24.02 -7.02
N VAL A 261 22.18 24.66 -7.89
CA VAL A 261 21.87 24.10 -9.21
C VAL A 261 22.40 25.04 -10.29
N PRO A 262 23.69 24.95 -10.65
CA PRO A 262 24.22 25.84 -11.70
C PRO A 262 23.81 25.38 -13.10
N TYR A 263 23.74 24.07 -13.30
CA TYR A 263 23.37 23.51 -14.58
C TYR A 263 21.85 23.44 -14.72
N PRO A 264 21.34 23.40 -15.95
CA PRO A 264 19.88 23.26 -16.13
C PRO A 264 19.33 21.99 -15.52
N ARG A 265 20.12 20.92 -15.45
CA ARG A 265 19.71 19.68 -14.82
C ARG A 265 20.45 19.51 -13.49
N ILE A 266 20.39 18.31 -12.93
CA ILE A 266 21.04 17.97 -11.66
C ILE A 266 20.54 18.89 -10.56
N HIS A 267 19.41 18.51 -9.94
CA HIS A 267 18.82 19.29 -8.87
C HIS A 267 18.21 18.34 -7.83
N PHE A 268 19.05 17.47 -7.27
CA PHE A 268 18.64 16.47 -6.28
C PHE A 268 19.48 16.66 -5.03
N PRO A 269 19.10 17.58 -4.15
CA PRO A 269 19.87 17.80 -2.92
C PRO A 269 19.51 16.79 -1.85
N LEU A 270 20.43 16.64 -0.89
CA LEU A 270 20.27 15.74 0.23
C LEU A 270 19.80 16.51 1.45
N VAL A 271 19.68 15.82 2.58
CA VAL A 271 19.24 16.43 3.83
C VAL A 271 19.84 15.65 5.01
N SER A 272 20.39 16.36 5.98
CA SER A 272 21.00 15.76 7.17
C SER A 272 20.65 16.64 8.36
N TYR A 273 19.62 16.26 9.10
CA TYR A 273 19.20 17.02 10.27
C TYR A 273 20.17 16.77 11.43
N SER A 274 20.70 17.84 11.99
CA SER A 274 21.71 17.74 13.05
C SER A 274 21.10 17.73 14.44
N PRO A 275 20.18 18.67 14.79
CA PRO A 275 19.62 18.66 16.15
C PRO A 275 18.79 17.42 16.44
N VAL A 276 19.44 16.28 16.61
CA VAL A 276 18.76 15.02 16.92
C VAL A 276 19.21 14.55 18.30
N LEU A 277 18.46 14.94 19.33
CA LEU A 277 18.78 14.58 20.70
C LEU A 277 17.51 14.20 21.43
N SER A 278 17.58 13.12 22.22
CA SER A 278 16.43 12.66 22.97
C SER A 278 16.28 13.47 24.26
N LYS A 279 15.18 13.23 24.98
CA LYS A 279 14.92 13.93 26.23
C LYS A 279 15.74 13.38 27.39
N SER A 280 16.24 12.15 27.29
CA SER A 280 17.03 11.58 28.37
C SER A 280 18.45 12.13 28.41
N LYS A 281 18.99 12.52 27.25
CA LYS A 281 20.33 13.06 27.16
C LYS A 281 20.33 14.55 26.86
N ALA A 282 19.27 15.25 27.26
CA ALA A 282 19.17 16.69 27.00
C ALA A 282 20.09 17.50 27.91
N PHE A 283 20.52 16.93 29.04
CA PHE A 283 21.41 17.61 29.97
C PHE A 283 22.86 17.17 29.82
N HIS A 284 23.18 16.44 28.76
CA HIS A 284 24.53 15.96 28.50
C HIS A 284 24.99 16.35 27.10
N GLU A 285 24.73 17.60 26.71
CA GLU A 285 25.12 18.09 25.41
C GLU A 285 25.39 19.59 25.50
N SER A 286 26.46 20.04 24.84
CA SER A 286 26.83 21.44 24.90
C SER A 286 26.08 22.29 23.89
N ASN A 287 25.71 21.70 22.74
CA ASN A 287 25.00 22.41 21.67
C ASN A 287 25.80 23.64 21.21
N SER A 288 27.11 23.45 21.04
CA SER A 288 27.98 24.53 20.61
C SER A 288 27.87 24.75 19.11
N VAL A 289 28.65 25.70 18.59
CA VAL A 289 28.61 25.99 17.17
C VAL A 289 29.37 24.93 16.38
N SER A 290 30.58 24.57 16.84
CA SER A 290 31.38 23.58 16.14
C SER A 290 30.88 22.15 16.37
N GLU A 291 30.14 21.91 17.45
CA GLU A 291 29.65 20.57 17.72
C GLU A 291 28.50 20.20 16.79
N ILE A 292 27.57 21.13 16.57
CA ILE A 292 26.44 20.85 15.69
C ILE A 292 26.87 20.88 14.23
N THR A 293 27.85 21.72 13.89
CA THR A 293 28.30 21.81 12.51
C THR A 293 28.96 20.51 12.06
N ASN A 294 29.78 19.91 12.93
CA ASN A 294 30.44 18.66 12.59
C ASN A 294 29.46 17.49 12.51
N ALA A 295 28.30 17.60 13.15
CA ALA A 295 27.30 16.53 13.11
C ALA A 295 26.47 16.54 11.83
N CYS A 296 26.64 17.55 10.97
CA CYS A 296 25.88 17.59 9.72
C CYS A 296 26.45 16.61 8.70
N PHE A 297 27.77 16.57 8.57
CA PHE A 297 28.41 15.67 7.61
C PHE A 297 28.51 14.23 8.12
N GLU A 298 28.01 13.95 9.32
CA GLU A 298 28.07 12.59 9.85
C GLU A 298 27.02 11.72 9.17
N PRO A 299 27.38 10.53 8.69
CA PRO A 299 26.38 9.67 8.05
C PRO A 299 25.28 9.20 8.98
N GLY A 300 25.52 9.20 10.29
CA GLY A 300 24.50 8.77 11.23
C GLY A 300 23.33 9.72 11.36
N ASN A 301 23.52 11.00 11.04
CA ASN A 301 22.47 12.00 11.12
C ASN A 301 21.94 12.41 9.76
N GLN A 302 22.13 11.58 8.74
CA GLN A 302 21.67 11.86 7.39
C GLN A 302 20.36 11.14 7.13
N MET A 303 19.41 11.85 6.53
CA MET A 303 18.09 11.30 6.21
C MET A 303 18.06 10.57 4.87
N VAL A 304 19.23 10.35 4.26
CA VAL A 304 19.33 9.65 2.98
C VAL A 304 20.32 8.50 3.14
N LYS A 305 19.89 7.29 2.74
CA LYS A 305 20.74 6.11 2.81
C LYS A 305 21.83 6.23 1.74
N CYS A 306 22.89 6.95 2.09
CA CYS A 306 24.00 7.17 1.18
C CYS A 306 25.26 7.47 2.00
N ASP A 307 26.41 7.25 1.37
CA ASP A 307 27.70 7.51 2.00
C ASP A 307 28.36 8.70 1.32
N PRO A 308 28.29 9.90 1.90
CA PRO A 308 28.91 11.07 1.27
C PRO A 308 30.43 11.07 1.33
N ARG A 309 31.04 10.22 2.18
CA ARG A 309 32.49 10.19 2.26
C ARG A 309 33.12 9.52 1.04
N ASP A 310 32.40 8.60 0.41
CA ASP A 310 32.92 7.94 -0.79
C ASP A 310 32.88 8.84 -2.01
N GLY A 311 32.04 9.87 -2.01
CA GLY A 311 31.92 10.79 -3.11
C GLY A 311 32.58 12.13 -2.84
N LYS A 312 32.17 13.13 -3.62
CA LYS A 312 32.71 14.48 -3.49
C LYS A 312 31.55 15.47 -3.38
N TYR A 313 31.81 16.57 -2.68
CA TYR A 313 30.82 17.62 -2.49
C TYR A 313 30.91 18.64 -3.61
N MET A 314 29.75 19.06 -4.11
CA MET A 314 29.67 20.04 -5.19
C MET A 314 29.19 21.40 -4.71
N ALA A 315 28.05 21.45 -4.02
CA ALA A 315 27.51 22.71 -3.52
C ALA A 315 26.70 22.43 -2.27
N THR A 316 27.03 23.11 -1.18
CA THR A 316 26.35 22.96 0.10
C THR A 316 25.52 24.19 0.41
N CYS A 317 24.61 24.03 1.38
CA CYS A 317 23.75 25.15 1.79
C CYS A 317 23.35 24.90 3.24
N LEU A 318 23.91 25.67 4.15
CA LEU A 318 23.62 25.56 5.58
C LEU A 318 22.62 26.64 5.99
N LEU A 319 21.72 26.25 6.89
CA LEU A 319 20.66 27.14 7.40
C LEU A 319 20.75 27.14 8.93
N TYR A 320 21.45 28.14 9.47
CA TYR A 320 21.60 28.27 10.91
C TYR A 320 20.40 29.02 11.49
N ARG A 321 19.74 28.42 12.47
CA ARG A 321 18.59 29.01 13.12
C ARG A 321 18.88 29.22 14.61
N GLY A 322 17.95 29.87 15.28
CA GLY A 322 18.08 30.14 16.71
C GLY A 322 18.88 31.39 17.01
N ASP A 323 19.73 31.33 18.04
CA ASP A 323 20.57 32.44 18.46
C ASP A 323 22.03 32.02 18.26
N VAL A 324 22.58 32.32 17.08
CA VAL A 324 23.95 31.98 16.75
C VAL A 324 24.72 33.27 16.46
N VAL A 325 26.04 33.16 16.51
CA VAL A 325 26.94 34.29 16.25
C VAL A 325 27.39 34.23 14.81
N THR A 326 27.39 35.38 14.14
CA THR A 326 27.80 35.43 12.73
C THR A 326 29.26 35.05 12.57
N ARG A 327 30.11 35.48 13.50
CA ARG A 327 31.53 35.17 13.42
C ARG A 327 31.80 33.69 13.66
N ASP A 328 31.01 33.04 14.52
CA ASP A 328 31.21 31.63 14.80
C ASP A 328 30.80 30.74 13.62
N VAL A 329 29.96 31.25 12.72
CA VAL A 329 29.55 30.44 11.57
C VAL A 329 30.68 30.34 10.56
N GLN A 330 31.36 31.45 10.27
CA GLN A 330 32.44 31.44 9.30
C GLN A 330 33.66 30.67 9.79
N ARG A 331 33.81 30.51 11.12
CA ARG A 331 34.95 29.79 11.67
C ARG A 331 34.69 28.29 11.78
N ALA A 332 33.43 27.88 11.96
CA ALA A 332 33.13 26.46 12.07
C ALA A 332 33.14 25.76 10.72
N VAL A 333 32.77 26.47 9.66
CA VAL A 333 32.78 25.86 8.33
C VAL A 333 34.20 25.74 7.79
N GLU A 334 35.06 26.70 8.12
CA GLU A 334 36.44 26.65 7.64
C GLU A 334 37.20 25.47 8.22
N GLN A 335 36.87 25.06 9.44
CA GLN A 335 37.55 23.91 10.04
C GLN A 335 37.17 22.61 9.35
N VAL A 336 35.94 22.52 8.82
CA VAL A 336 35.51 21.31 8.14
C VAL A 336 36.17 21.19 6.77
N LYS A 337 36.36 22.31 6.08
CA LYS A 337 36.98 22.27 4.75
C LYS A 337 38.44 21.84 4.83
N ASN A 338 39.13 22.17 5.92
CA ASN A 338 40.53 21.81 6.10
C ASN A 338 40.73 20.39 6.59
N LYS A 339 39.68 19.56 6.59
CA LYS A 339 39.79 18.17 7.01
C LYS A 339 40.20 17.24 5.88
N LYS A 340 40.26 17.74 4.64
CA LYS A 340 40.65 16.95 3.48
C LYS A 340 39.76 15.73 3.31
N THR A 341 38.45 15.93 3.50
CA THR A 341 37.48 14.85 3.35
C THR A 341 36.29 15.34 2.53
N VAL A 342 36.06 16.66 2.55
CA VAL A 342 34.96 17.23 1.78
C VAL A 342 35.24 17.15 0.29
N GLN A 343 36.49 17.31 -0.11
CA GLN A 343 36.91 17.26 -1.51
C GLN A 343 36.14 18.26 -2.36
N LEU A 344 36.46 19.55 -2.21
CA LEU A 344 35.79 20.59 -2.98
C LEU A 344 36.29 20.58 -4.42
N VAL A 345 35.40 20.98 -5.33
CA VAL A 345 35.70 21.03 -6.75
C VAL A 345 36.69 22.15 -7.02
N ASP A 346 37.20 22.21 -8.26
CA ASP A 346 38.22 23.19 -8.62
C ASP A 346 37.62 24.55 -9.01
N TRP A 347 36.43 24.56 -9.61
CA TRP A 347 35.85 25.81 -10.07
C TRP A 347 35.28 26.63 -8.91
N CYS A 348 34.47 26.01 -8.07
CA CYS A 348 33.89 26.70 -6.92
C CYS A 348 34.94 26.91 -5.85
N PRO A 349 35.26 28.15 -5.47
CA PRO A 349 36.28 28.37 -4.44
C PRO A 349 35.69 28.32 -3.03
N THR A 350 34.37 28.52 -2.91
CA THR A 350 33.71 28.47 -1.62
C THR A 350 32.64 27.39 -1.69
N GLY A 351 31.40 27.73 -2.04
CA GLY A 351 30.36 26.73 -2.13
C GLY A 351 29.67 26.39 -0.83
N PHE A 352 29.81 27.24 0.19
CA PHE A 352 29.20 27.03 1.50
C PHE A 352 28.24 28.18 1.77
N LYS A 353 27.04 28.09 1.19
CA LYS A 353 26.02 29.11 1.38
C LYS A 353 25.44 29.00 2.79
N ILE A 354 25.58 30.06 3.58
CA ILE A 354 25.10 30.10 4.95
C ILE A 354 23.78 30.85 4.99
N GLY A 355 22.98 30.55 6.01
CA GLY A 355 21.71 31.20 6.21
C GLY A 355 21.36 31.38 7.67
N ILE A 356 21.71 32.53 8.24
CA ILE A 356 21.49 32.80 9.65
C ILE A 356 20.03 33.18 9.86
N CYS A 357 19.36 32.48 10.77
CA CYS A 357 17.99 32.76 11.15
C CYS A 357 17.93 33.09 12.63
N TYR A 358 17.14 34.12 12.97
CA TYR A 358 17.07 34.59 14.35
C TYR A 358 15.94 33.95 15.14
N GLU A 359 14.91 33.41 14.48
CA GLU A 359 13.78 32.81 15.17
C GLU A 359 14.11 31.38 15.56
N PRO A 360 14.15 31.05 16.85
CA PRO A 360 14.42 29.67 17.26
C PRO A 360 13.24 28.77 16.96
N PRO A 361 13.47 27.58 16.42
CA PRO A 361 12.36 26.66 16.15
C PRO A 361 11.85 25.96 17.40
N THR A 362 10.92 25.03 17.23
CA THR A 362 10.37 24.27 18.35
C THR A 362 10.24 22.82 17.92
N ALA A 363 9.59 22.01 18.75
CA ALA A 363 9.40 20.60 18.48
C ALA A 363 7.95 20.21 18.79
N THR A 364 7.48 19.16 18.13
CA THR A 364 6.12 18.69 18.33
C THR A 364 6.02 17.92 19.66
N PRO A 365 4.89 18.03 20.36
CA PRO A 365 4.74 17.30 21.63
C PRO A 365 4.76 15.80 21.47
N ASN A 366 4.45 15.26 20.29
CA ASN A 366 4.44 13.83 20.04
C ASN A 366 5.79 13.31 19.60
N SER A 367 6.87 13.82 20.18
CA SER A 367 8.21 13.38 19.82
C SER A 367 9.13 13.54 21.03
N GLN A 368 10.32 12.95 20.93
CA GLN A 368 11.31 13.02 22.00
C GLN A 368 12.31 14.15 21.80
N LEU A 369 11.96 15.17 21.01
CA LEU A 369 12.83 16.31 20.77
C LEU A 369 12.49 17.43 21.74
N ALA A 370 13.52 17.97 22.38
CA ALA A 370 13.33 19.06 23.34
C ALA A 370 13.49 20.42 22.66
N THR A 371 13.17 21.48 23.39
CA THR A 371 13.28 22.84 22.87
C THR A 371 14.74 23.24 22.84
N VAL A 372 15.35 23.21 21.66
CA VAL A 372 16.75 23.57 21.50
C VAL A 372 16.85 25.07 21.28
N ASP A 373 18.08 25.59 21.40
CA ASP A 373 18.34 27.01 21.21
C ASP A 373 18.82 27.35 19.82
N ARG A 374 19.18 26.36 19.00
CA ARG A 374 19.65 26.60 17.65
C ARG A 374 19.44 25.35 16.82
N ALA A 375 19.29 25.54 15.51
CA ALA A 375 19.08 24.43 14.59
C ALA A 375 19.84 24.70 13.30
N VAL A 376 20.44 23.65 12.75
CA VAL A 376 21.22 23.74 11.52
C VAL A 376 20.63 22.76 10.51
N CYS A 377 20.35 23.25 9.31
CA CYS A 377 19.80 22.45 8.22
C CYS A 377 20.85 22.34 7.11
N MET A 378 21.14 21.12 6.70
CA MET A 378 22.14 20.85 5.67
C MET A 378 21.43 20.45 4.38
N LEU A 379 21.71 21.20 3.31
CA LEU A 379 21.15 20.94 1.98
C LEU A 379 22.31 20.97 0.98
N SER A 380 22.99 19.83 0.85
CA SER A 380 24.16 19.72 -0.01
C SER A 380 23.85 18.86 -1.22
N ASN A 381 24.80 18.84 -2.16
CA ASN A 381 24.70 18.04 -3.38
C ASN A 381 26.02 17.29 -3.56
N THR A 382 26.00 16.00 -3.25
CA THR A 382 27.19 15.17 -3.34
C THR A 382 27.18 14.35 -4.62
N THR A 383 28.34 13.79 -4.95
CA THR A 383 28.49 12.96 -6.14
C THR A 383 28.17 11.50 -5.88
N SER A 384 27.98 11.10 -4.63
CA SER A 384 27.64 9.72 -4.30
C SER A 384 26.15 9.43 -4.41
N ILE A 385 25.34 10.39 -4.86
CA ILE A 385 23.91 10.15 -5.00
C ILE A 385 23.64 9.18 -6.14
N ALA A 386 24.52 9.11 -7.13
CA ALA A 386 24.35 8.19 -8.23
C ALA A 386 24.45 6.73 -7.80
N GLU A 387 25.04 6.47 -6.62
CA GLU A 387 25.10 5.10 -6.12
C GLU A 387 23.72 4.58 -5.75
N ALA A 388 22.88 5.44 -5.17
CA ALA A 388 21.51 5.03 -4.86
C ALA A 388 20.67 4.86 -6.11
N TRP A 389 20.93 5.66 -7.14
CA TRP A 389 20.21 5.50 -8.40
C TRP A 389 20.64 4.25 -9.15
N LYS A 390 21.88 3.80 -8.93
CA LYS A 390 22.35 2.59 -9.60
C LYS A 390 21.67 1.34 -9.03
N ARG A 391 21.43 1.31 -7.72
CA ARG A 391 20.77 0.17 -7.12
C ARG A 391 19.32 0.04 -7.58
N ILE A 392 18.67 1.17 -7.87
CA ILE A 392 17.30 1.11 -8.38
C ILE A 392 17.28 0.62 -9.81
N ASP A 393 18.29 1.00 -10.61
CA ASP A 393 18.37 0.55 -11.99
C ASP A 393 18.65 -0.95 -12.07
N ARG A 394 19.42 -1.49 -11.13
CA ARG A 394 19.70 -2.92 -11.14
C ARG A 394 18.43 -3.73 -10.84
N LYS A 395 17.54 -3.18 -10.02
CA LYS A 395 16.29 -3.87 -9.73
C LYS A 395 15.29 -3.73 -10.87
N PHE A 396 15.49 -2.74 -11.75
CA PHE A 396 14.59 -2.56 -12.88
C PHE A 396 15.03 -3.38 -14.09
N ASP A 397 16.34 -3.64 -14.23
CA ASP A 397 16.82 -4.43 -15.35
C ASP A 397 16.47 -5.91 -15.19
N LEU A 398 16.40 -6.39 -13.95
CA LEU A 398 16.06 -7.79 -13.72
C LEU A 398 14.58 -8.05 -13.97
N MET A 399 13.72 -7.07 -13.67
CA MET A 399 12.29 -7.24 -13.89
C MET A 399 11.89 -6.98 -15.34
N TYR A 400 12.71 -6.25 -16.11
CA TYR A 400 12.39 -5.94 -17.49
C TYR A 400 13.00 -6.91 -18.49
N ALA A 401 14.06 -7.63 -18.11
CA ALA A 401 14.70 -8.56 -19.02
C ALA A 401 13.80 -9.76 -19.32
N LYS A 402 12.94 -10.14 -18.37
CA LYS A 402 12.02 -11.26 -18.55
C LYS A 402 10.56 -10.82 -18.54
N ARG A 403 10.29 -9.51 -18.59
CA ARG A 403 8.95 -8.97 -18.59
C ARG A 403 8.14 -9.45 -17.38
N ALA A 404 8.42 -8.86 -16.22
CA ALA A 404 7.72 -9.25 -15.00
C ALA A 404 6.31 -8.67 -14.98
N PHE A 405 6.20 -7.40 -14.55
CA PHE A 405 4.90 -6.72 -14.45
C PHE A 405 4.82 -5.70 -15.59
N VAL A 406 4.34 -6.17 -16.75
CA VAL A 406 4.24 -5.34 -17.94
C VAL A 406 2.79 -5.18 -18.39
N HIS A 407 1.98 -6.24 -18.28
CA HIS A 407 0.60 -6.17 -18.74
C HIS A 407 -0.25 -5.24 -17.90
N TRP A 408 0.17 -4.93 -16.66
CA TRP A 408 -0.58 -4.00 -15.84
C TRP A 408 -0.47 -2.56 -16.32
N TYR A 409 0.54 -2.25 -17.13
CA TYR A 409 0.73 -0.92 -17.68
C TYR A 409 0.24 -0.79 -19.12
N VAL A 410 0.41 -1.83 -19.93
CA VAL A 410 -0.02 -1.77 -21.33
C VAL A 410 -1.54 -1.88 -21.42
N GLY A 411 -2.15 -2.68 -20.56
CA GLY A 411 -3.59 -2.86 -20.60
C GLY A 411 -4.39 -1.65 -20.15
N GLU A 412 -3.72 -0.66 -19.55
CA GLU A 412 -4.38 0.55 -19.08
C GLU A 412 -4.22 1.72 -20.03
N GLY A 413 -3.06 1.84 -20.68
CA GLY A 413 -2.84 2.93 -21.61
C GLY A 413 -1.41 3.46 -21.59
N MET A 414 -0.44 2.56 -21.78
CA MET A 414 0.96 2.92 -21.78
C MET A 414 1.70 2.03 -22.77
N GLU A 415 2.50 2.64 -23.64
CA GLU A 415 3.25 1.89 -24.63
C GLU A 415 4.39 1.14 -23.96
N GLU A 416 4.71 -0.05 -24.50
CA GLU A 416 5.80 -0.84 -23.97
C GLU A 416 7.15 -0.14 -24.14
N GLY A 417 7.30 0.66 -25.20
CA GLY A 417 8.54 1.38 -25.42
C GLY A 417 8.78 2.53 -24.46
N GLU A 418 7.79 2.87 -23.62
CA GLU A 418 7.98 3.94 -22.65
C GLU A 418 8.99 3.56 -21.58
N PHE A 419 9.03 2.29 -21.20
CA PHE A 419 10.00 1.84 -20.20
C PHE A 419 11.43 1.92 -20.73
N THR A 420 11.61 1.76 -22.04
CA THR A 420 12.95 1.86 -22.61
C THR A 420 13.42 3.31 -22.65
N GLU A 421 12.52 4.24 -23.00
CA GLU A 421 12.89 5.65 -23.03
C GLU A 421 13.11 6.19 -21.62
N ALA A 422 12.32 5.73 -20.65
CA ALA A 422 12.50 6.18 -19.27
C ALA A 422 13.79 5.64 -18.68
N ARG A 423 14.18 4.41 -19.06
CA ARG A 423 15.44 3.85 -18.57
C ARG A 423 16.64 4.53 -19.22
N GLU A 424 16.51 4.89 -20.51
CA GLU A 424 17.60 5.57 -21.19
C GLU A 424 17.80 6.97 -20.64
N ASP A 425 16.71 7.66 -20.29
CA ASP A 425 16.83 8.99 -19.70
C ASP A 425 17.42 8.92 -18.31
N LEU A 426 17.10 7.86 -17.56
CA LEU A 426 17.69 7.69 -16.23
C LEU A 426 19.15 7.29 -16.32
N ALA A 427 19.50 6.47 -17.30
CA ALA A 427 20.90 6.07 -17.48
C ALA A 427 21.75 7.22 -17.98
N ALA A 428 21.18 8.10 -18.82
CA ALA A 428 21.93 9.25 -19.29
C ALA A 428 22.16 10.27 -18.18
N LEU A 429 21.23 10.36 -17.22
CA LEU A 429 21.41 11.26 -16.10
C LEU A 429 22.50 10.76 -15.16
N GLU A 430 22.56 9.45 -14.92
CA GLU A 430 23.61 8.89 -14.07
C GLU A 430 24.97 8.96 -14.74
N ARG A 431 25.02 8.80 -16.07
CA ARG A 431 26.29 8.88 -16.78
C ARG A 431 26.86 10.29 -16.73
N ASP A 432 26.02 11.30 -16.92
CA ASP A 432 26.46 12.69 -16.83
C ASP A 432 26.65 13.15 -15.39
N TYR A 433 26.14 12.41 -14.41
CA TYR A 433 26.32 12.79 -13.02
C TYR A 433 27.73 12.49 -12.52
N ILE A 434 28.37 11.46 -13.09
CA ILE A 434 29.73 11.12 -12.69
C ILE A 434 30.78 11.79 -13.58
N GLU A 435 30.49 11.97 -14.87
CA GLU A 435 31.44 12.59 -15.78
C GLU A 435 31.69 14.05 -15.41
N VAL A 436 30.62 14.78 -15.08
CA VAL A 436 30.78 16.18 -14.71
C VAL A 436 31.37 16.31 -13.31
N GLY A 437 30.92 15.45 -12.39
CA GLY A 437 31.42 15.50 -11.02
C GLY A 437 32.86 15.09 -10.87
N ALA A 438 33.40 14.34 -11.84
CA ALA A 438 34.80 13.91 -11.74
C ALA A 438 35.75 15.07 -11.98
N ASP A 439 35.36 16.05 -12.82
CA ASP A 439 36.19 17.22 -13.12
C ASP A 439 35.26 18.44 -13.18
N SER A 440 34.80 18.86 -12.01
CA SER A 440 33.89 20.00 -11.92
C SER A 440 34.63 21.24 -11.44
N MET B 1 -15.05 2.22 -5.87
CA MET B 1 -14.74 0.83 -5.53
C MET B 1 -14.79 0.63 -4.02
N ARG B 2 -15.97 0.71 -3.44
CA ARG B 2 -16.15 0.55 -2.00
C ARG B 2 -17.15 -0.53 -1.61
N GLU B 3 -17.91 -1.07 -2.56
CA GLU B 3 -18.92 -2.10 -2.26
C GLU B 3 -18.44 -3.45 -2.77
N ILE B 4 -18.52 -4.46 -1.92
CA ILE B 4 -18.10 -5.81 -2.26
C ILE B 4 -19.31 -6.73 -2.14
N ILE B 5 -19.58 -7.49 -3.20
CA ILE B 5 -20.70 -8.42 -3.24
C ILE B 5 -20.18 -9.83 -3.09
N HIS B 6 -20.70 -10.55 -2.10
CA HIS B 6 -20.31 -11.92 -1.81
C HIS B 6 -21.37 -12.88 -2.33
N ILE B 7 -20.95 -13.90 -3.06
CA ILE B 7 -21.85 -14.90 -3.64
C ILE B 7 -21.37 -16.28 -3.22
N SER B 8 -22.28 -17.08 -2.67
CA SER B 8 -21.98 -18.45 -2.25
C SER B 8 -22.65 -19.43 -3.19
N THR B 9 -21.87 -20.35 -3.74
CA THR B 9 -22.35 -21.34 -4.68
C THR B 9 -22.03 -22.74 -4.16
N GLY B 10 -23.04 -23.61 -4.16
CA GLY B 10 -22.87 -24.97 -3.70
C GLY B 10 -23.11 -25.13 -2.21
N GLN B 11 -23.20 -26.39 -1.78
CA GLN B 11 -23.42 -26.68 -0.37
C GLN B 11 -22.20 -26.31 0.46
N CYS B 12 -20.99 -26.55 -0.06
CA CYS B 12 -19.78 -26.17 0.66
C CYS B 12 -19.62 -24.66 0.74
N GLY B 13 -20.04 -23.93 -0.29
CA GLY B 13 -19.93 -22.48 -0.27
C GLY B 13 -20.94 -21.83 0.65
N ASN B 14 -22.10 -22.46 0.85
CA ASN B 14 -23.11 -21.89 1.73
C ASN B 14 -22.74 -22.08 3.20
N GLN B 15 -22.08 -23.19 3.54
CA GLN B 15 -21.66 -23.39 4.92
C GLN B 15 -20.54 -22.44 5.31
N ILE B 16 -19.63 -22.16 4.39
CA ILE B 16 -18.55 -21.22 4.67
C ILE B 16 -19.00 -19.78 4.46
N GLY B 17 -19.89 -19.55 3.50
CA GLY B 17 -20.36 -18.18 3.25
C GLY B 17 -21.21 -17.65 4.38
N ALA B 18 -22.18 -18.45 4.85
CA ALA B 18 -23.04 -18.01 5.94
C ALA B 18 -22.26 -17.85 7.24
N LYS B 19 -21.24 -18.68 7.45
CA LYS B 19 -20.41 -18.53 8.65
C LYS B 19 -19.52 -17.31 8.55
N PHE B 20 -19.20 -16.87 7.33
CA PHE B 20 -18.35 -15.69 7.17
C PHE B 20 -19.06 -14.42 7.64
N TRP B 21 -20.37 -14.33 7.39
CA TRP B 21 -21.13 -13.16 7.82
C TRP B 21 -21.27 -13.09 9.34
N GLU B 22 -21.14 -14.22 10.05
CA GLU B 22 -21.23 -14.19 11.50
C GLU B 22 -20.03 -13.48 12.10
N VAL B 23 -18.86 -13.61 11.48
CA VAL B 23 -17.66 -12.94 11.98
C VAL B 23 -17.69 -11.45 11.61
N ILE B 24 -18.25 -11.10 10.45
CA ILE B 24 -18.29 -9.71 10.04
C ILE B 24 -19.22 -8.92 10.94
N CYS B 25 -20.38 -9.49 11.29
CA CYS B 25 -21.32 -8.81 12.16
C CYS B 25 -20.79 -8.66 13.58
N ASP B 26 -19.86 -9.52 14.00
CA ASP B 26 -19.30 -9.42 15.35
C ASP B 26 -18.26 -8.31 15.45
N GLU B 27 -17.53 -8.03 14.36
CA GLU B 27 -16.52 -6.98 14.39
C GLU B 27 -17.17 -5.60 14.43
N HIS B 28 -18.21 -5.38 13.64
CA HIS B 28 -18.91 -4.11 13.60
C HIS B 28 -20.00 -4.00 14.66
N GLY B 29 -20.26 -5.06 15.42
CA GLY B 29 -21.29 -5.04 16.43
C GLY B 29 -22.69 -5.03 15.87
N LEU B 30 -23.02 -6.05 15.09
CA LEU B 30 -24.33 -6.18 14.47
C LEU B 30 -25.04 -7.41 15.02
N ASP B 31 -26.27 -7.22 15.50
CA ASP B 31 -27.03 -8.33 16.03
C ASP B 31 -27.55 -9.21 14.90
N PHE B 32 -27.88 -10.46 15.25
CA PHE B 32 -28.39 -11.43 14.29
C PHE B 32 -29.82 -11.17 13.87
N ASN B 33 -30.45 -10.11 14.38
CA ASN B 33 -31.83 -9.77 14.03
C ASN B 33 -31.93 -8.65 13.01
N GLY B 34 -31.10 -7.61 13.14
CA GLY B 34 -31.13 -6.50 12.21
C GLY B 34 -30.70 -5.19 12.83
N THR B 35 -31.09 -4.95 14.07
CA THR B 35 -30.75 -3.72 14.76
C THR B 35 -29.29 -3.77 15.22
N TYR B 36 -28.54 -2.72 14.90
CA TYR B 36 -27.14 -2.65 15.28
C TYR B 36 -26.99 -2.46 16.79
N HIS B 37 -25.94 -3.07 17.35
CA HIS B 37 -25.68 -2.97 18.78
C HIS B 37 -24.76 -1.79 19.11
N GLY B 38 -23.50 -1.86 18.69
CA GLY B 38 -22.56 -0.79 18.96
C GLY B 38 -21.90 -0.25 17.70
N HIS B 39 -21.98 1.06 17.49
CA HIS B 39 -21.39 1.70 16.33
C HIS B 39 -20.33 2.70 16.77
N ASP B 40 -19.25 2.79 16.01
CA ASP B 40 -18.15 3.70 16.30
C ASP B 40 -17.82 4.51 15.04
N ASP B 41 -16.83 5.39 15.15
CA ASP B 41 -16.42 6.21 14.03
C ASP B 41 -15.63 5.44 12.99
N ILE B 42 -15.02 4.31 13.37
CA ILE B 42 -14.23 3.51 12.45
C ILE B 42 -15.00 2.32 11.91
N GLN B 43 -16.26 2.15 12.30
CA GLN B 43 -17.09 1.03 11.85
C GLN B 43 -18.36 1.48 11.14
N LYS B 44 -19.02 2.52 11.63
CA LYS B 44 -20.25 2.98 11.00
C LYS B 44 -19.99 3.63 9.64
N GLU B 45 -18.85 4.31 9.50
CA GLU B 45 -18.53 4.97 8.24
C GLU B 45 -18.15 4.01 7.13
N ARG B 46 -17.99 2.73 7.43
CA ARG B 46 -17.61 1.73 6.44
C ARG B 46 -18.59 0.55 6.43
N LEU B 47 -19.85 0.81 6.78
CA LEU B 47 -20.87 -0.23 6.76
C LEU B 47 -21.40 -0.52 5.37
N ASN B 48 -21.11 0.33 4.39
CA ASN B 48 -21.58 0.13 3.02
C ASN B 48 -20.70 -0.83 2.23
N VAL B 49 -19.66 -1.39 2.84
CA VAL B 49 -18.78 -2.31 2.12
C VAL B 49 -19.44 -3.68 1.98
N TYR B 50 -20.07 -4.17 3.03
CA TYR B 50 -20.72 -5.48 2.99
C TYR B 50 -22.19 -5.45 3.40
N PHE B 51 -22.72 -4.28 3.75
CA PHE B 51 -24.12 -4.16 4.16
C PHE B 51 -24.74 -2.95 3.50
N ASN B 52 -26.07 -2.96 3.42
CA ASN B 52 -26.84 -1.88 2.83
C ASN B 52 -27.77 -1.29 3.87
N GLU B 53 -27.94 0.03 3.82
CA GLU B 53 -28.82 0.74 4.76
C GLU B 53 -30.24 0.70 4.20
N ALA B 54 -31.08 -0.15 4.78
CA ALA B 54 -32.46 -0.28 4.32
C ALA B 54 -33.36 0.73 5.04
N SER B 55 -34.52 0.28 5.50
CA SER B 55 -35.46 1.14 6.19
C SER B 55 -35.51 0.80 7.68
N SER B 56 -35.95 1.78 8.47
CA SER B 56 -36.09 1.64 9.92
C SER B 56 -34.76 1.26 10.59
N GLY B 57 -33.65 1.70 10.00
CA GLY B 57 -32.34 1.41 10.56
C GLY B 57 -31.98 -0.06 10.55
N LYS B 58 -32.21 -0.73 9.43
CA LYS B 58 -31.93 -2.14 9.28
C LYS B 58 -30.81 -2.34 8.26
N TRP B 59 -29.81 -3.12 8.62
CA TRP B 59 -28.67 -3.39 7.76
C TRP B 59 -28.72 -4.84 7.31
N VAL B 60 -28.83 -5.05 6.00
CA VAL B 60 -28.90 -6.39 5.43
C VAL B 60 -27.71 -6.59 4.49
N PRO B 61 -27.11 -7.78 4.46
CA PRO B 61 -25.98 -8.03 3.56
C PRO B 61 -26.45 -8.24 2.13
N ARG B 62 -25.47 -8.31 1.23
CA ARG B 62 -25.71 -8.53 -0.19
C ARG B 62 -25.28 -9.94 -0.60
N SER B 63 -25.54 -10.91 0.26
CA SER B 63 -25.15 -12.29 -0.04
C SER B 63 -26.13 -12.92 -1.02
N ILE B 64 -25.60 -13.66 -1.98
CA ILE B 64 -26.39 -14.34 -3.00
C ILE B 64 -26.11 -15.84 -2.84
N ASN B 65 -27.04 -16.55 -2.19
CA ASN B 65 -26.90 -17.98 -1.97
C ASN B 65 -27.65 -18.73 -3.06
N VAL B 66 -26.90 -19.33 -3.99
CA VAL B 66 -27.47 -20.10 -5.09
C VAL B 66 -26.90 -21.51 -5.02
N ASP B 67 -27.79 -22.49 -4.98
CA ASP B 67 -27.39 -23.90 -4.93
C ASP B 67 -28.44 -24.74 -5.62
N LEU B 68 -28.24 -26.06 -5.60
CA LEU B 68 -29.18 -27.00 -6.21
C LEU B 68 -29.69 -28.03 -5.21
N GLU B 69 -29.59 -27.73 -3.91
CA GLU B 69 -30.06 -28.63 -2.86
C GLU B 69 -30.99 -27.85 -1.95
N PRO B 70 -32.29 -28.18 -1.91
CA PRO B 70 -33.21 -27.46 -1.01
C PRO B 70 -32.90 -27.64 0.46
N GLY B 71 -32.21 -28.73 0.84
CA GLY B 71 -31.90 -28.94 2.24
C GLY B 71 -30.81 -28.04 2.78
N THR B 72 -30.09 -27.34 1.90
CA THR B 72 -29.03 -26.45 2.35
C THR B 72 -29.57 -25.08 2.75
N ILE B 73 -30.48 -24.53 1.93
CA ILE B 73 -31.06 -23.22 2.25
C ILE B 73 -32.00 -23.32 3.43
N ASP B 74 -32.80 -24.38 3.50
CA ASP B 74 -33.74 -24.56 4.60
C ASP B 74 -33.04 -24.77 5.94
N ALA B 75 -31.77 -25.21 5.92
CA ALA B 75 -31.03 -25.41 7.16
C ALA B 75 -30.37 -24.13 7.66
N VAL B 76 -30.42 -23.05 6.91
CA VAL B 76 -29.82 -21.79 7.31
C VAL B 76 -30.88 -20.76 7.69
N ARG B 77 -31.97 -20.68 6.93
CA ARG B 77 -33.02 -19.71 7.24
C ARG B 77 -33.76 -20.07 8.52
N ASN B 78 -33.82 -21.35 8.87
CA ASN B 78 -34.50 -21.80 10.07
C ASN B 78 -33.61 -21.72 11.31
N SER B 79 -32.39 -21.21 11.19
CA SER B 79 -31.48 -21.11 12.33
C SER B 79 -31.63 -19.74 13.00
N ALA B 80 -30.52 -19.17 13.43
CA ALA B 80 -30.48 -17.88 14.10
C ALA B 80 -29.51 -16.92 13.40
N ILE B 81 -29.53 -16.92 12.07
CA ILE B 81 -28.66 -16.06 11.28
C ILE B 81 -29.34 -15.73 9.96
N GLY B 82 -30.38 -16.50 9.62
CA GLY B 82 -31.09 -16.28 8.38
C GLY B 82 -31.99 -15.06 8.39
N ASN B 83 -32.18 -14.45 9.56
CA ASN B 83 -33.03 -13.26 9.63
C ASN B 83 -32.33 -12.03 9.06
N LEU B 84 -31.00 -12.06 8.97
CA LEU B 84 -30.28 -10.91 8.42
C LEU B 84 -30.33 -10.90 6.90
N PHE B 85 -30.27 -12.08 6.27
CA PHE B 85 -30.30 -12.15 4.83
C PHE B 85 -31.69 -11.87 4.30
N ARG B 86 -31.75 -11.24 3.13
CA ARG B 86 -33.04 -10.94 2.51
C ARG B 86 -33.66 -12.22 1.94
N PRO B 87 -34.95 -12.44 2.17
CA PRO B 87 -35.60 -13.65 1.64
C PRO B 87 -35.87 -13.57 0.14
N ASP B 88 -35.06 -12.80 -0.59
CA ASP B 88 -35.20 -12.65 -2.03
C ASP B 88 -33.96 -13.05 -2.81
N ASN B 89 -32.89 -13.45 -2.13
CA ASN B 89 -31.66 -13.85 -2.80
C ASN B 89 -31.46 -15.36 -2.84
N TYR B 90 -32.16 -16.11 -1.98
CA TYR B 90 -32.04 -17.57 -1.97
C TYR B 90 -32.72 -18.13 -3.21
N ILE B 91 -31.92 -18.60 -4.17
CA ILE B 91 -32.41 -19.17 -5.41
C ILE B 91 -31.90 -20.60 -5.50
N PHE B 92 -32.82 -21.56 -5.37
CA PHE B 92 -32.47 -22.97 -5.42
C PHE B 92 -33.31 -23.66 -6.48
N GLY B 93 -33.06 -24.97 -6.66
CA GLY B 93 -33.77 -25.77 -7.62
C GLY B 93 -34.40 -27.00 -6.97
N GLN B 94 -35.12 -27.76 -7.79
CA GLN B 94 -35.78 -28.96 -7.30
C GLN B 94 -34.84 -30.16 -7.33
N SER B 95 -34.29 -30.47 -8.50
CA SER B 95 -33.38 -31.60 -8.63
C SER B 95 -31.97 -31.21 -8.23
N SER B 96 -31.21 -32.21 -7.77
CA SER B 96 -29.83 -32.01 -7.35
C SER B 96 -28.88 -32.59 -8.38
N ALA B 97 -27.78 -31.88 -8.62
CA ALA B 97 -26.78 -32.31 -9.59
C ALA B 97 -25.80 -33.32 -9.03
N GLY B 98 -25.66 -33.40 -7.71
CA GLY B 98 -24.74 -34.33 -7.11
C GLY B 98 -23.29 -33.94 -7.29
N ASN B 99 -22.48 -34.83 -7.88
CA ASN B 99 -21.06 -34.56 -8.11
C ASN B 99 -20.73 -34.63 -9.61
N VAL B 100 -21.65 -34.17 -10.45
CA VAL B 100 -21.48 -34.17 -11.90
C VAL B 100 -21.29 -32.74 -12.37
N TRP B 101 -20.23 -32.49 -13.13
CA TRP B 101 -19.96 -31.14 -13.61
C TRP B 101 -20.83 -30.78 -14.80
N ALA B 102 -21.30 -31.76 -15.57
CA ALA B 102 -22.11 -31.50 -16.75
C ALA B 102 -23.54 -31.13 -16.42
N LYS B 103 -24.05 -31.53 -15.25
CA LYS B 103 -25.43 -31.23 -14.89
C LYS B 103 -25.60 -29.76 -14.56
N GLY B 104 -24.79 -29.24 -13.64
CA GLY B 104 -24.87 -27.86 -13.20
C GLY B 104 -24.27 -26.85 -14.14
N HIS B 105 -23.85 -27.26 -15.34
CA HIS B 105 -23.23 -26.35 -16.29
C HIS B 105 -24.14 -25.98 -17.46
N TYR B 106 -24.98 -26.89 -17.93
CA TYR B 106 -25.85 -26.62 -19.07
C TYR B 106 -27.11 -27.46 -19.01
N THR B 107 -27.19 -28.38 -18.05
CA THR B 107 -28.37 -29.22 -17.90
C THR B 107 -29.27 -28.71 -16.78
N GLU B 108 -28.86 -28.96 -15.54
CA GLU B 108 -29.64 -28.51 -14.39
C GLU B 108 -29.29 -27.09 -13.98
N GLY B 109 -28.03 -26.66 -14.17
CA GLY B 109 -27.66 -25.31 -13.84
C GLY B 109 -28.13 -24.26 -14.83
N ALA B 110 -28.54 -24.69 -16.03
CA ALA B 110 -29.02 -23.76 -17.04
C ALA B 110 -30.47 -23.33 -16.81
N GLU B 111 -31.16 -23.94 -15.83
CA GLU B 111 -32.53 -23.55 -15.54
C GLU B 111 -32.59 -22.16 -14.93
N LEU B 112 -31.66 -21.84 -14.04
CA LEU B 112 -31.61 -20.53 -13.41
C LEU B 112 -30.99 -19.51 -14.35
N VAL B 113 -29.70 -19.22 -14.14
CA VAL B 113 -28.94 -18.29 -14.98
C VAL B 113 -29.59 -16.92 -14.98
N ASP B 114 -30.72 -16.79 -15.69
CA ASP B 114 -31.41 -15.51 -15.77
C ASP B 114 -31.93 -15.06 -14.41
N SER B 115 -32.28 -16.00 -13.54
CA SER B 115 -32.75 -15.64 -12.20
C SER B 115 -31.59 -15.23 -11.31
N VAL B 116 -30.42 -15.86 -11.47
CA VAL B 116 -29.26 -15.51 -10.66
C VAL B 116 -28.69 -14.17 -11.10
N MET B 117 -28.62 -13.94 -12.41
CA MET B 117 -28.11 -12.67 -12.92
C MET B 117 -29.09 -11.51 -12.73
N ASP B 118 -30.33 -11.80 -12.34
CA ASP B 118 -31.30 -10.73 -12.13
C ASP B 118 -31.02 -9.99 -10.83
N VAL B 119 -30.70 -10.71 -9.76
CA VAL B 119 -30.42 -10.08 -8.48
C VAL B 119 -29.06 -9.38 -8.48
N ILE B 120 -28.15 -9.79 -9.38
CA ILE B 120 -26.84 -9.14 -9.44
C ILE B 120 -26.97 -7.74 -10.02
N ARG B 121 -27.81 -7.58 -11.05
CA ARG B 121 -28.00 -6.26 -11.65
C ARG B 121 -28.73 -5.31 -10.71
N ARG B 122 -29.56 -5.84 -9.80
CA ARG B 122 -30.28 -4.99 -8.87
C ARG B 122 -29.34 -4.42 -7.81
N GLU B 123 -28.32 -5.19 -7.40
CA GLU B 123 -27.38 -4.70 -6.40
C GLU B 123 -26.36 -3.75 -7.00
N ALA B 124 -26.16 -3.82 -8.32
CA ALA B 124 -25.21 -2.92 -8.97
C ALA B 124 -25.78 -1.52 -9.15
N GLU B 125 -27.12 -1.41 -9.26
CA GLU B 125 -27.74 -0.09 -9.42
C GLU B 125 -27.91 0.61 -8.08
N GLY B 126 -28.05 -0.15 -7.00
CA GLY B 126 -28.21 0.45 -5.69
C GLY B 126 -26.92 0.97 -5.08
N CYS B 127 -25.78 0.48 -5.55
CA CYS B 127 -24.48 0.91 -5.06
C CYS B 127 -23.89 1.99 -5.96
N ASP B 128 -22.89 2.69 -5.43
CA ASP B 128 -22.24 3.75 -6.19
C ASP B 128 -21.29 3.19 -7.23
N SER B 129 -20.23 2.52 -6.78
CA SER B 129 -19.24 1.93 -7.68
C SER B 129 -18.80 0.59 -7.10
N LEU B 130 -18.96 -0.48 -7.88
CA LEU B 130 -18.58 -1.80 -7.43
C LEU B 130 -17.06 -1.94 -7.36
N GLN B 131 -16.61 -2.93 -6.60
CA GLN B 131 -15.18 -3.18 -6.42
C GLN B 131 -14.81 -4.60 -6.83
N GLY B 132 -15.26 -5.62 -6.09
CA GLY B 132 -14.96 -6.99 -6.42
C GLY B 132 -16.13 -7.91 -6.10
N PHE B 133 -15.95 -9.19 -6.43
CA PHE B 133 -16.96 -10.21 -6.20
C PHE B 133 -16.30 -11.39 -5.52
N GLN B 134 -16.71 -11.69 -4.29
CA GLN B 134 -16.16 -12.78 -3.51
C GLN B 134 -17.02 -14.01 -3.72
N ILE B 135 -16.60 -14.91 -4.60
CA ILE B 135 -17.31 -16.13 -4.91
C ILE B 135 -16.63 -17.28 -4.17
N THR B 136 -17.39 -17.97 -3.33
CA THR B 136 -16.88 -19.10 -2.54
C THR B 136 -17.49 -20.38 -3.10
N HIS B 137 -16.66 -21.18 -3.77
CA HIS B 137 -17.11 -22.43 -4.37
C HIS B 137 -16.12 -23.53 -3.99
N SER B 138 -16.23 -24.68 -4.66
CA SER B 138 -15.34 -25.80 -4.39
C SER B 138 -15.10 -26.56 -5.69
N LEU B 139 -14.03 -27.34 -5.71
CA LEU B 139 -13.65 -28.16 -6.86
C LEU B 139 -13.84 -29.63 -6.50
N GLY B 140 -14.90 -30.23 -7.03
CA GLY B 140 -15.17 -31.63 -6.76
C GLY B 140 -16.65 -31.95 -6.71
N GLY B 141 -17.47 -30.94 -6.46
CA GLY B 141 -18.91 -31.11 -6.38
C GLY B 141 -19.59 -30.96 -7.72
N GLY B 142 -20.89 -30.64 -7.66
CA GLY B 142 -21.67 -30.47 -8.86
C GLY B 142 -22.18 -29.05 -9.05
N THR B 143 -22.55 -28.40 -7.94
CA THR B 143 -23.03 -27.03 -8.01
C THR B 143 -21.89 -26.03 -7.91
N GLY B 144 -20.99 -26.23 -6.95
CA GLY B 144 -19.86 -25.34 -6.80
C GLY B 144 -18.84 -25.46 -7.91
N SER B 145 -18.80 -26.62 -8.58
CA SER B 145 -17.87 -26.83 -9.68
C SER B 145 -18.51 -26.59 -11.04
N GLY B 146 -19.73 -27.08 -11.24
CA GLY B 146 -20.43 -26.89 -12.50
C GLY B 146 -20.99 -25.51 -12.68
N MET B 147 -21.80 -25.06 -11.72
CA MET B 147 -22.41 -23.74 -11.78
C MET B 147 -21.52 -22.65 -11.22
N GLY B 148 -20.56 -23.00 -10.36
CA GLY B 148 -19.68 -21.99 -9.80
C GLY B 148 -18.78 -21.35 -10.85
N THR B 149 -18.29 -22.15 -11.80
CA THR B 149 -17.44 -21.62 -12.86
C THR B 149 -18.23 -20.89 -13.94
N LEU B 150 -19.50 -21.27 -14.16
CA LEU B 150 -20.31 -20.60 -15.16
C LEU B 150 -20.70 -19.19 -14.73
N LEU B 151 -20.92 -18.97 -13.43
CA LEU B 151 -21.29 -17.64 -12.95
C LEU B 151 -20.13 -16.65 -13.09
N ILE B 152 -18.89 -17.13 -13.01
CA ILE B 152 -17.74 -16.25 -13.16
C ILE B 152 -17.66 -15.70 -14.57
N SER B 153 -17.99 -16.52 -15.57
CA SER B 153 -17.96 -16.06 -16.96
C SER B 153 -19.07 -15.07 -17.26
N LYS B 154 -20.15 -15.06 -16.48
CA LYS B 154 -21.24 -14.13 -16.70
C LYS B 154 -21.03 -12.78 -16.03
N ILE B 155 -20.34 -12.76 -14.89
CA ILE B 155 -20.09 -11.49 -14.21
C ILE B 155 -19.03 -10.69 -14.95
N ARG B 156 -17.98 -11.36 -15.42
CA ARG B 156 -16.92 -10.66 -16.15
C ARG B 156 -17.42 -10.17 -17.51
N GLU B 157 -18.39 -10.86 -18.10
CA GLU B 157 -18.93 -10.44 -19.39
C GLU B 157 -19.66 -9.11 -19.27
N GLU B 158 -20.37 -8.91 -18.17
CA GLU B 158 -21.08 -7.65 -17.94
C GLU B 158 -20.26 -6.63 -17.17
N PHE B 159 -19.23 -7.07 -16.45
CA PHE B 159 -18.36 -6.19 -15.67
C PHE B 159 -16.92 -6.59 -15.94
N PRO B 160 -16.33 -6.14 -17.05
CA PRO B 160 -14.94 -6.53 -17.35
C PRO B 160 -13.92 -5.83 -16.50
N ASP B 161 -14.23 -4.65 -15.95
CA ASP B 161 -13.29 -3.89 -15.14
C ASP B 161 -13.47 -4.14 -13.63
N ARG B 162 -14.14 -5.23 -13.27
CA ARG B 162 -14.33 -5.59 -11.87
C ARG B 162 -13.44 -6.76 -11.49
N MET B 163 -12.99 -6.75 -10.24
CA MET B 163 -12.12 -7.81 -9.74
C MET B 163 -12.93 -9.08 -9.45
N MET B 164 -12.29 -10.23 -9.66
CA MET B 164 -12.91 -11.54 -9.43
C MET B 164 -12.03 -12.31 -8.44
N ALA B 165 -12.20 -12.01 -7.16
CA ALA B 165 -11.44 -12.68 -6.10
C ALA B 165 -12.28 -13.86 -5.60
N THR B 166 -11.94 -15.06 -6.06
CA THR B 166 -12.66 -16.26 -5.69
C THR B 166 -11.87 -17.08 -4.67
N PHE B 167 -12.59 -17.74 -3.77
CA PHE B 167 -12.01 -18.58 -2.74
C PHE B 167 -12.37 -20.03 -3.06
N SER B 168 -11.64 -20.61 -4.01
CA SER B 168 -11.90 -21.98 -4.42
C SER B 168 -11.35 -22.96 -3.39
N VAL B 169 -11.88 -24.18 -3.41
CA VAL B 169 -11.48 -25.25 -2.51
C VAL B 169 -10.88 -26.36 -3.36
N LEU B 170 -9.57 -26.61 -3.16
CA LEU B 170 -8.87 -27.65 -3.92
C LEU B 170 -9.03 -29.01 -3.26
N PRO B 171 -9.05 -30.07 -4.05
CA PRO B 171 -9.20 -31.42 -3.48
C PRO B 171 -8.00 -31.80 -2.63
N SER B 172 -8.22 -32.80 -1.77
CA SER B 172 -7.18 -33.31 -0.89
C SER B 172 -6.66 -34.64 -1.44
N PRO B 173 -5.35 -34.77 -1.66
CA PRO B 173 -4.82 -36.02 -2.24
C PRO B 173 -4.61 -37.11 -1.20
N LYS B 174 -5.14 -36.91 0.01
CA LYS B 174 -5.00 -37.86 1.11
C LYS B 174 -6.39 -38.33 1.53
N THR B 175 -6.81 -39.46 0.97
CA THR B 175 -8.10 -40.09 1.29
C THR B 175 -9.26 -39.14 1.04
N SER B 176 -9.79 -39.14 -0.19
CA SER B 176 -10.91 -38.30 -0.54
C SER B 176 -12.23 -39.02 -0.27
N ASP B 177 -13.31 -38.25 -0.14
CA ASP B 177 -14.63 -38.78 0.14
C ASP B 177 -15.46 -38.97 -1.12
N THR B 178 -14.98 -38.52 -2.28
CA THR B 178 -15.69 -38.65 -3.54
C THR B 178 -14.83 -39.40 -4.54
N VAL B 179 -15.47 -39.87 -5.62
CA VAL B 179 -14.81 -40.64 -6.66
C VAL B 179 -14.63 -39.81 -7.93
N VAL B 180 -15.69 -39.12 -8.35
CA VAL B 180 -15.65 -38.31 -9.57
C VAL B 180 -15.19 -36.90 -9.23
N GLU B 181 -14.17 -36.80 -8.40
CA GLU B 181 -13.62 -35.50 -8.00
C GLU B 181 -12.60 -34.97 -8.99
N PRO B 182 -11.66 -35.78 -9.49
CA PRO B 182 -10.74 -35.25 -10.52
C PRO B 182 -11.44 -34.80 -11.80
N TYR B 183 -12.57 -35.42 -12.14
CA TYR B 183 -13.31 -34.98 -13.33
C TYR B 183 -13.97 -33.62 -13.11
N ASN B 184 -14.38 -33.32 -11.87
CA ASN B 184 -14.97 -32.03 -11.58
C ASN B 184 -13.94 -30.95 -11.26
N ALA B 185 -12.72 -31.35 -10.89
CA ALA B 185 -11.67 -30.39 -10.59
C ALA B 185 -10.86 -29.99 -11.82
N THR B 186 -10.69 -30.90 -12.78
CA THR B 186 -9.95 -30.57 -13.99
C THR B 186 -10.73 -29.62 -14.88
N LEU B 187 -12.04 -29.85 -15.03
CA LEU B 187 -12.87 -28.97 -15.84
C LEU B 187 -13.10 -27.61 -15.19
N SER B 188 -12.85 -27.49 -13.88
CA SER B 188 -13.05 -26.22 -13.20
C SER B 188 -11.89 -25.26 -13.43
N VAL B 189 -10.66 -25.78 -13.55
CA VAL B 189 -9.51 -24.91 -13.80
C VAL B 189 -9.56 -24.34 -15.20
N HIS B 190 -10.14 -25.07 -16.16
CA HIS B 190 -10.23 -24.56 -17.52
C HIS B 190 -11.11 -23.32 -17.62
N GLN B 191 -12.09 -23.19 -16.72
CA GLN B 191 -12.95 -22.03 -16.68
C GLN B 191 -12.61 -21.04 -15.57
N LEU B 192 -11.56 -21.33 -14.79
CA LEU B 192 -11.13 -20.45 -13.71
C LEU B 192 -9.96 -19.55 -14.10
N VAL B 193 -9.00 -20.07 -14.87
CA VAL B 193 -7.85 -19.28 -15.28
C VAL B 193 -8.14 -18.38 -16.47
N GLU B 194 -9.38 -18.39 -16.99
CA GLU B 194 -9.75 -17.59 -18.14
C GLU B 194 -10.64 -16.40 -17.79
N HIS B 195 -11.09 -16.28 -16.55
CA HIS B 195 -11.98 -15.19 -16.17
C HIS B 195 -11.58 -14.59 -14.83
N SER B 196 -11.28 -15.43 -13.85
CA SER B 196 -10.90 -14.94 -12.53
C SER B 196 -9.52 -14.32 -12.56
N ASP B 197 -9.40 -13.10 -12.01
CA ASP B 197 -8.11 -12.42 -11.97
C ASP B 197 -7.21 -12.96 -10.88
N GLU B 198 -7.78 -13.48 -9.79
CA GLU B 198 -7.01 -14.03 -8.70
C GLU B 198 -7.84 -15.07 -7.97
N THR B 199 -7.16 -16.06 -7.40
CA THR B 199 -7.82 -17.14 -6.66
C THR B 199 -6.94 -17.55 -5.49
N PHE B 200 -7.47 -18.45 -4.68
CA PHE B 200 -6.76 -18.96 -3.51
C PHE B 200 -6.91 -20.47 -3.44
N CYS B 201 -5.83 -21.16 -3.10
CA CYS B 201 -5.81 -22.62 -3.01
C CYS B 201 -6.02 -23.04 -1.56
N ILE B 202 -7.15 -23.70 -1.30
CA ILE B 202 -7.51 -24.17 0.03
C ILE B 202 -7.93 -25.63 -0.08
N ASP B 203 -7.37 -26.48 0.77
CA ASP B 203 -7.71 -27.89 0.81
C ASP B 203 -8.11 -28.29 2.22
N ASN B 204 -8.84 -29.40 2.32
CA ASN B 204 -9.33 -29.89 3.61
C ASN B 204 -8.31 -30.75 4.34
N GLU B 205 -7.25 -31.19 3.67
CA GLU B 205 -6.26 -32.02 4.34
C GLU B 205 -5.43 -31.21 5.33
N ALA B 206 -5.06 -29.98 4.96
CA ALA B 206 -4.28 -29.12 5.85
C ALA B 206 -5.11 -28.54 6.99
N LEU B 207 -6.43 -28.66 6.94
CA LEU B 207 -7.27 -28.12 8.01
C LEU B 207 -7.28 -29.03 9.23
N TYR B 208 -7.37 -30.34 9.02
CA TYR B 208 -7.36 -31.28 10.15
C TYR B 208 -5.99 -31.36 10.81
N ASP B 209 -4.93 -31.06 10.05
CA ASP B 209 -3.58 -31.11 10.63
C ASP B 209 -3.34 -29.96 11.61
N ILE B 210 -3.97 -28.82 11.37
CA ILE B 210 -3.79 -27.67 12.26
C ILE B 210 -4.56 -27.86 13.55
N CYS B 211 -5.79 -28.37 13.46
CA CYS B 211 -6.62 -28.54 14.65
C CYS B 211 -6.13 -29.67 15.55
N GLN B 212 -5.31 -30.58 15.02
CA GLN B 212 -4.80 -31.70 15.80
C GLN B 212 -3.34 -31.54 16.21
N ARG B 213 -2.72 -30.40 15.89
CA ARG B 213 -1.34 -30.14 16.27
C ARG B 213 -1.20 -28.86 17.09
N THR B 214 -1.64 -27.73 16.56
CA THR B 214 -1.54 -26.46 17.27
C THR B 214 -2.78 -26.18 18.11
N LEU B 215 -3.96 -26.29 17.52
CA LEU B 215 -5.19 -26.05 18.27
C LEU B 215 -5.49 -27.17 19.26
N LYS B 216 -5.02 -28.40 18.96
CA LYS B 216 -5.21 -29.57 19.81
C LYS B 216 -6.70 -29.82 20.08
N LEU B 217 -7.43 -30.00 18.99
CA LEU B 217 -8.87 -30.27 19.04
C LEU B 217 -9.11 -31.74 18.78
N ASN B 218 -9.75 -32.43 19.73
CA ASN B 218 -10.04 -33.85 19.60
C ASN B 218 -11.22 -34.04 18.66
N GLN B 219 -10.94 -34.62 17.48
CA GLN B 219 -11.95 -34.89 16.45
C GLN B 219 -12.68 -33.62 16.05
N PRO B 220 -12.08 -32.77 15.21
CA PRO B 220 -12.78 -31.55 14.80
C PRO B 220 -13.89 -31.86 13.81
N SER B 221 -14.98 -31.11 13.92
CA SER B 221 -16.14 -31.28 13.06
C SER B 221 -16.07 -30.29 11.90
N TYR B 222 -17.15 -30.21 11.12
CA TYR B 222 -17.18 -29.28 9.98
C TYR B 222 -17.35 -27.84 10.42
N GLY B 223 -17.82 -27.60 11.64
CA GLY B 223 -17.99 -26.23 12.10
C GLY B 223 -16.66 -25.56 12.44
N ASP B 224 -15.73 -26.32 13.02
CA ASP B 224 -14.43 -25.76 13.37
C ASP B 224 -13.57 -25.50 12.15
N LEU B 225 -13.84 -26.18 11.02
CA LEU B 225 -13.05 -25.95 9.82
C LEU B 225 -13.38 -24.61 9.18
N ASN B 226 -14.60 -24.10 9.40
CA ASN B 226 -14.99 -22.82 8.81
C ASN B 226 -14.39 -21.63 9.55
N HIS B 227 -13.92 -21.83 10.78
CA HIS B 227 -13.30 -20.72 11.51
C HIS B 227 -11.95 -20.35 10.92
N LEU B 228 -11.18 -21.35 10.50
CA LEU B 228 -9.88 -21.09 9.89
C LEU B 228 -9.98 -20.49 8.49
N VAL B 229 -11.08 -20.75 7.79
CA VAL B 229 -11.28 -20.21 6.45
C VAL B 229 -11.87 -18.81 6.50
N SER B 230 -12.82 -18.57 7.40
CA SER B 230 -13.42 -17.24 7.51
C SER B 230 -12.43 -16.22 8.05
N SER B 231 -11.45 -16.65 8.84
CA SER B 231 -10.45 -15.73 9.35
C SER B 231 -9.54 -15.22 8.25
N VAL B 232 -9.30 -16.03 7.22
CA VAL B 232 -8.45 -15.60 6.11
C VAL B 232 -9.24 -14.71 5.15
N MET B 233 -10.51 -15.04 4.90
CA MET B 233 -11.33 -14.22 4.01
C MET B 233 -11.57 -12.83 4.60
N SER B 234 -11.73 -12.75 5.93
CA SER B 234 -11.94 -11.47 6.59
C SER B 234 -10.64 -10.70 6.78
N GLY B 235 -9.50 -11.38 6.77
CA GLY B 235 -8.21 -10.72 6.92
C GLY B 235 -7.66 -10.07 5.69
N VAL B 236 -8.29 -10.28 4.53
CA VAL B 236 -7.81 -9.68 3.30
C VAL B 236 -8.36 -8.27 3.13
N THR B 237 -9.67 -8.10 3.32
CA THR B 237 -10.33 -6.80 3.17
C THR B 237 -10.41 -6.08 4.52
N THR B 238 -9.23 -5.82 5.10
CA THR B 238 -9.15 -5.11 6.36
C THR B 238 -8.91 -3.62 6.17
N SER B 239 -8.05 -3.24 5.22
CA SER B 239 -7.77 -1.84 4.95
C SER B 239 -8.88 -1.16 4.16
N LEU B 240 -9.82 -1.91 3.61
CA LEU B 240 -10.92 -1.31 2.85
C LEU B 240 -12.00 -0.75 3.76
N ARG B 241 -12.25 -1.40 4.89
CA ARG B 241 -13.26 -0.97 5.84
C ARG B 241 -12.67 -0.40 7.12
N TYR B 242 -11.34 -0.29 7.22
CA TYR B 242 -10.70 0.28 8.39
C TYR B 242 -9.46 1.04 7.94
N PRO B 243 -9.23 2.24 8.48
CA PRO B 243 -8.03 3.00 8.12
C PRO B 243 -6.77 2.37 8.70
N GLY B 244 -5.64 2.81 8.18
CA GLY B 244 -4.37 2.30 8.66
C GLY B 244 -3.21 3.09 8.09
N GLN B 245 -2.00 2.60 8.39
CA GLN B 245 -0.79 3.26 7.90
C GLN B 245 -0.53 2.92 6.45
N LEU B 246 -0.31 1.65 6.14
CA LEU B 246 -0.05 1.17 4.78
C LEU B 246 -1.26 0.35 4.35
N ASN B 247 -2.26 1.03 3.78
CA ASN B 247 -3.47 0.37 3.33
C ASN B 247 -3.21 -0.40 2.04
N SER B 248 -4.18 -1.22 1.64
CA SER B 248 -4.08 -2.02 0.43
C SER B 248 -5.47 -2.26 -0.13
N ASP B 249 -5.60 -2.15 -1.44
CA ASP B 249 -6.85 -2.38 -2.14
C ASP B 249 -6.84 -3.73 -2.84
N LEU B 250 -8.01 -4.13 -3.34
CA LEU B 250 -8.10 -5.40 -4.04
C LEU B 250 -7.27 -5.41 -5.33
N ARG B 251 -7.16 -4.27 -6.00
CA ARG B 251 -6.31 -4.17 -7.18
C ARG B 251 -4.84 -4.14 -6.81
N LYS B 252 -4.51 -3.66 -5.61
CA LYS B 252 -3.11 -3.66 -5.17
C LYS B 252 -2.59 -5.07 -4.93
N LEU B 253 -3.45 -5.96 -4.44
CA LEU B 253 -3.08 -7.34 -4.20
C LEU B 253 -3.04 -8.17 -5.47
N ALA B 254 -3.37 -7.59 -6.62
CA ALA B 254 -3.30 -8.29 -7.91
C ALA B 254 -2.09 -7.88 -8.73
N VAL B 255 -1.70 -6.60 -8.69
CA VAL B 255 -0.54 -6.15 -9.45
C VAL B 255 0.75 -6.63 -8.79
N ASN B 256 0.77 -6.70 -7.47
CA ASN B 256 1.96 -7.09 -6.72
C ASN B 256 2.04 -8.59 -6.47
N LEU B 257 1.06 -9.37 -6.92
CA LEU B 257 1.06 -10.81 -6.70
C LEU B 257 0.83 -11.63 -7.96
N VAL B 258 0.41 -11.03 -9.07
CA VAL B 258 0.17 -11.76 -10.31
C VAL B 258 1.13 -11.27 -11.38
N PRO B 259 2.33 -11.83 -11.48
CA PRO B 259 3.26 -11.40 -12.55
C PRO B 259 2.79 -11.79 -13.93
N PHE B 260 2.16 -12.96 -14.09
CA PHE B 260 1.69 -13.42 -15.37
C PHE B 260 0.23 -13.83 -15.26
N PRO B 261 -0.59 -13.57 -16.29
CA PRO B 261 -2.01 -13.92 -16.20
C PRO B 261 -2.27 -15.39 -15.96
N ARG B 262 -1.37 -16.27 -16.39
CA ARG B 262 -1.52 -17.70 -16.15
C ARG B 262 -1.01 -18.14 -14.79
N LEU B 263 -0.42 -17.23 -14.01
CA LEU B 263 0.12 -17.54 -12.69
C LEU B 263 -0.61 -16.66 -11.67
N HIS B 264 -1.65 -17.20 -11.05
CA HIS B 264 -2.41 -16.43 -10.07
C HIS B 264 -2.90 -17.27 -8.90
N PHE B 265 -2.33 -18.45 -8.67
CA PHE B 265 -2.73 -19.30 -7.55
C PHE B 265 -1.93 -18.90 -6.32
N PHE B 266 -2.62 -18.46 -5.28
CA PHE B 266 -1.99 -17.99 -4.05
C PHE B 266 -2.02 -19.07 -2.97
N MET B 267 -1.27 -18.82 -1.90
CA MET B 267 -1.20 -19.71 -0.75
C MET B 267 -1.63 -18.93 0.48
N VAL B 268 -2.81 -19.23 0.99
CA VAL B 268 -3.37 -18.51 2.14
C VAL B 268 -2.66 -18.93 3.42
N GLY B 269 -2.87 -18.15 4.48
CA GLY B 269 -2.25 -18.45 5.76
C GLY B 269 -2.76 -17.50 6.82
N PHE B 270 -2.52 -17.86 8.08
CA PHE B 270 -2.96 -17.05 9.20
C PHE B 270 -2.04 -17.29 10.39
N ALA B 271 -2.09 -16.36 11.34
CA ALA B 271 -1.24 -16.41 12.52
C ALA B 271 -1.83 -15.54 13.63
N PRO B 272 -1.60 -15.92 14.90
CA PRO B 272 -0.87 -17.11 15.34
C PRO B 272 -1.76 -18.35 15.49
N LEU B 273 -1.34 -19.27 16.38
CA LEU B 273 -2.08 -20.50 16.64
C LEU B 273 -1.87 -20.84 18.13
N THR B 274 -2.65 -20.20 18.99
CA THR B 274 -2.59 -20.41 20.42
C THR B 274 -3.68 -21.39 20.84
N ALA B 275 -3.29 -22.48 21.49
CA ALA B 275 -4.24 -23.48 21.93
C ALA B 275 -5.05 -22.96 23.11
N ILE B 276 -6.14 -23.67 23.41
CA ILE B 276 -7.02 -23.31 24.52
C ILE B 276 -6.34 -23.72 25.82
N GLY B 277 -5.97 -22.73 26.63
CA GLY B 277 -5.32 -22.96 27.90
C GLY B 277 -3.88 -22.47 27.96
N SER B 278 -3.19 -22.42 26.84
CA SER B 278 -1.79 -21.97 26.78
C SER B 278 -1.70 -20.52 26.32
N GLN B 279 -2.51 -19.64 26.91
CA GLN B 279 -2.49 -18.24 26.54
C GLN B 279 -1.30 -17.52 27.16
N SER B 280 -1.02 -17.77 28.44
CA SER B 280 0.10 -17.13 29.11
C SER B 280 1.44 -17.72 28.72
N PHE B 281 1.45 -18.92 28.14
CA PHE B 281 2.69 -19.58 27.74
C PHE B 281 3.16 -19.14 26.36
N ARG B 282 2.39 -18.32 25.65
CA ARG B 282 2.74 -17.84 24.32
C ARG B 282 2.81 -16.32 24.32
N SER B 283 3.90 -15.77 23.82
CA SER B 283 4.11 -14.33 23.76
C SER B 283 3.78 -13.84 22.35
N LEU B 284 2.86 -12.88 22.27
CA LEU B 284 2.43 -12.33 20.98
C LEU B 284 3.37 -11.19 20.61
N THR B 285 4.40 -11.51 19.82
CA THR B 285 5.37 -10.53 19.36
C THR B 285 5.49 -10.62 17.84
N VAL B 286 6.14 -9.62 17.27
CA VAL B 286 6.36 -9.54 15.82
C VAL B 286 7.25 -10.69 15.36
N PRO B 287 8.40 -10.97 16.01
CA PRO B 287 9.20 -12.12 15.56
C PRO B 287 8.51 -13.46 15.77
N GLU B 288 7.55 -13.54 16.68
CA GLU B 288 6.81 -14.79 16.88
C GLU B 288 5.79 -15.00 15.77
N LEU B 289 5.12 -13.93 15.34
CA LEU B 289 4.14 -14.05 14.26
C LEU B 289 4.81 -14.29 12.92
N THR B 290 6.07 -13.87 12.77
CA THR B 290 6.77 -14.06 11.50
C THR B 290 7.14 -15.52 11.28
N GLN B 291 7.57 -16.20 12.33
CA GLN B 291 7.95 -17.61 12.20
C GLN B 291 6.73 -18.50 11.95
N GLN B 292 5.55 -18.07 12.38
CA GLN B 292 4.34 -18.85 12.17
C GLN B 292 3.79 -18.73 10.75
N MET B 293 4.19 -17.68 10.02
CA MET B 293 3.70 -17.49 8.66
C MET B 293 4.56 -18.22 7.63
N PHE B 294 5.85 -18.39 7.90
CA PHE B 294 6.74 -19.10 6.99
C PHE B 294 6.93 -20.56 7.37
N ASP B 295 6.10 -21.09 8.26
CA ASP B 295 6.19 -22.48 8.67
C ASP B 295 5.32 -23.36 7.77
N ALA B 296 5.75 -24.61 7.63
CA ALA B 296 5.05 -25.57 6.78
C ALA B 296 3.84 -26.20 7.47
N LYS B 297 3.80 -26.20 8.80
CA LYS B 297 2.70 -26.80 9.53
C LYS B 297 1.50 -25.86 9.67
N ASN B 298 1.67 -24.58 9.35
CA ASN B 298 0.60 -23.60 9.49
C ASN B 298 0.00 -23.20 8.14
N MET B 299 0.38 -23.87 7.05
CA MET B 299 -0.13 -23.52 5.74
C MET B 299 -1.40 -24.31 5.44
N MET B 300 -2.34 -23.67 4.74
CA MET B 300 -3.60 -24.28 4.35
C MET B 300 -3.51 -25.01 3.01
N ALA B 301 -2.35 -25.55 2.67
CA ALA B 301 -2.16 -26.27 1.42
C ALA B 301 -1.40 -27.56 1.69
N ALA B 302 -1.66 -28.56 0.84
CA ALA B 302 -1.02 -29.86 0.98
C ALA B 302 0.36 -29.92 0.33
N ALA B 303 0.83 -28.83 -0.25
CA ALA B 303 2.14 -28.79 -0.88
C ALA B 303 3.20 -28.31 0.11
N ASP B 304 4.44 -28.73 -0.14
CA ASP B 304 5.56 -28.36 0.72
C ASP B 304 6.16 -27.06 0.21
N PRO B 305 6.11 -25.97 0.98
CA PRO B 305 6.70 -24.70 0.50
C PRO B 305 8.22 -24.70 0.50
N ARG B 306 8.86 -25.63 1.22
CA ARG B 306 10.31 -25.66 1.27
C ARG B 306 10.90 -26.21 -0.03
N ASN B 307 10.14 -27.05 -0.75
CA ASN B 307 10.65 -27.60 -2.00
C ASN B 307 10.65 -26.56 -3.11
N GLY B 308 9.58 -25.77 -3.21
CA GLY B 308 9.49 -24.75 -4.23
C GLY B 308 10.21 -23.46 -3.84
N ARG B 309 10.07 -22.47 -4.69
CA ARG B 309 10.68 -21.17 -4.50
C ARG B 309 9.61 -20.08 -4.54
N TYR B 310 9.73 -19.11 -3.64
CA TYR B 310 8.75 -18.04 -3.54
C TYR B 310 8.95 -17.02 -4.66
N LEU B 311 7.86 -16.35 -5.02
CA LEU B 311 7.90 -15.30 -6.04
C LEU B 311 7.36 -13.99 -5.50
N THR B 312 6.06 -13.89 -5.24
CA THR B 312 5.44 -12.69 -4.70
C THR B 312 4.70 -13.04 -3.42
N VAL B 313 5.09 -12.41 -2.32
CA VAL B 313 4.52 -12.65 -1.01
C VAL B 313 3.82 -11.39 -0.53
N ALA B 314 2.67 -11.56 0.13
CA ALA B 314 1.89 -10.44 0.67
C ALA B 314 1.59 -10.73 2.13
N ALA B 315 2.02 -9.82 3.00
CA ALA B 315 1.80 -9.94 4.43
C ALA B 315 0.84 -8.85 4.90
N PHE B 316 0.04 -9.18 5.91
CA PHE B 316 -0.94 -8.25 6.47
C PHE B 316 -0.85 -8.32 7.99
N PHE B 317 -0.19 -7.33 8.59
CA PHE B 317 -0.02 -7.25 10.03
C PHE B 317 -1.10 -6.35 10.63
N ARG B 318 -1.87 -6.90 11.56
CA ARG B 318 -2.95 -6.18 12.21
C ARG B 318 -2.64 -6.02 13.70
N GLY B 319 -3.43 -5.18 14.36
CA GLY B 319 -3.26 -4.93 15.77
C GLY B 319 -2.25 -3.85 16.06
N LYS B 320 -1.87 -3.78 17.34
CA LYS B 320 -0.91 -2.79 17.82
C LYS B 320 0.49 -3.23 17.41
N VAL B 321 0.84 -2.91 16.16
CA VAL B 321 2.14 -3.27 15.59
C VAL B 321 2.84 -2.00 15.14
N SER B 322 4.16 -2.08 15.05
CA SER B 322 4.99 -0.97 14.61
C SER B 322 5.64 -1.30 13.27
N VAL B 323 5.79 -0.28 12.43
CA VAL B 323 6.38 -0.49 11.11
C VAL B 323 7.86 -0.83 11.24
N LYS B 324 8.52 -0.38 12.30
CA LYS B 324 9.93 -0.67 12.47
C LYS B 324 10.18 -2.16 12.69
N GLU B 325 9.33 -2.81 13.49
CA GLU B 325 9.52 -4.23 13.75
C GLU B 325 9.09 -5.10 12.57
N VAL B 326 8.22 -4.56 11.70
CA VAL B 326 7.77 -5.33 10.54
C VAL B 326 8.87 -5.40 9.49
N GLU B 327 9.51 -4.26 9.19
CA GLU B 327 10.53 -4.23 8.15
C GLU B 327 11.81 -4.93 8.60
N ASP B 328 12.05 -5.00 9.90
CA ASP B 328 13.27 -5.65 10.40
C ASP B 328 13.13 -7.17 10.39
N GLU B 329 12.02 -7.69 10.92
CA GLU B 329 11.82 -9.14 10.93
C GLU B 329 11.57 -9.70 9.54
N MET B 330 11.15 -8.86 8.59
CA MET B 330 10.91 -9.34 7.23
C MET B 330 12.23 -9.58 6.49
N HIS B 331 13.21 -8.70 6.69
CA HIS B 331 14.49 -8.86 6.00
C HIS B 331 15.32 -10.00 6.57
N LYS B 332 15.12 -10.34 7.84
CA LYS B 332 15.87 -11.43 8.45
C LYS B 332 15.50 -12.78 7.85
N VAL B 333 14.24 -12.95 7.44
CA VAL B 333 13.82 -14.20 6.83
C VAL B 333 14.33 -14.30 5.40
N GLN B 334 14.31 -13.19 4.66
CA GLN B 334 14.78 -13.21 3.28
C GLN B 334 16.29 -13.37 3.21
N SER B 335 17.02 -12.78 4.16
CA SER B 335 18.48 -12.90 4.16
C SER B 335 18.92 -14.29 4.59
N LYS B 336 18.25 -14.87 5.59
CA LYS B 336 18.61 -16.21 6.04
C LYS B 336 18.15 -17.27 5.05
N ASN B 337 16.89 -17.22 4.64
CA ASN B 337 16.34 -18.18 3.69
C ASN B 337 16.37 -17.60 2.27
N SER B 338 17.58 -17.29 1.82
CA SER B 338 17.76 -16.73 0.48
C SER B 338 17.54 -17.75 -0.62
N ASP B 339 17.62 -19.05 -0.30
CA ASP B 339 17.39 -20.08 -1.30
C ASP B 339 15.92 -20.27 -1.61
N TYR B 340 15.03 -19.77 -0.75
CA TYR B 340 13.59 -19.91 -0.99
C TYR B 340 13.03 -18.77 -1.82
N PHE B 341 13.74 -17.65 -1.92
CA PHE B 341 13.31 -16.50 -2.71
C PHE B 341 14.15 -16.43 -3.98
N VAL B 342 13.49 -16.14 -5.10
CA VAL B 342 14.18 -16.07 -6.38
C VAL B 342 14.82 -14.71 -6.54
N GLU B 343 16.07 -14.69 -7.01
CA GLU B 343 16.82 -13.45 -7.22
C GLU B 343 16.33 -12.67 -8.45
N TRP B 344 15.37 -13.22 -9.20
CA TRP B 344 14.86 -12.50 -10.37
C TRP B 344 14.05 -11.28 -9.96
N ILE B 345 13.40 -11.33 -8.79
CA ILE B 345 12.65 -10.19 -8.27
C ILE B 345 13.20 -9.84 -6.89
N PRO B 346 13.90 -8.71 -6.75
CA PRO B 346 14.43 -8.34 -5.42
C PRO B 346 13.35 -8.04 -4.40
N ASN B 347 12.16 -7.64 -4.83
CA ASN B 347 11.07 -7.30 -3.93
C ASN B 347 10.02 -8.43 -4.00
N ASN B 348 10.26 -9.48 -3.22
CA ASN B 348 9.37 -10.63 -3.20
C ASN B 348 8.24 -10.49 -2.19
N VAL B 349 8.40 -9.66 -1.17
CA VAL B 349 7.40 -9.50 -0.12
C VAL B 349 7.23 -8.01 0.17
N GLN B 350 5.99 -7.57 0.26
CA GLN B 350 5.63 -6.18 0.56
C GLN B 350 5.09 -6.08 1.98
N THR B 351 4.88 -4.85 2.44
CA THR B 351 4.42 -4.59 3.80
C THR B 351 3.05 -3.92 3.74
N ALA B 352 2.15 -4.37 4.60
CA ALA B 352 0.79 -3.81 4.72
C ALA B 352 0.43 -3.77 6.20
N VAL B 353 0.74 -2.63 6.84
CA VAL B 353 0.51 -2.46 8.27
C VAL B 353 -0.89 -1.89 8.49
N CYS B 354 -1.65 -2.54 9.37
CA CYS B 354 -2.99 -2.09 9.73
C CYS B 354 -2.95 -1.37 11.07
N SER B 355 -4.07 -0.73 11.41
CA SER B 355 -4.17 0.04 12.65
C SER B 355 -5.22 -0.51 13.61
N VAL B 356 -6.20 -1.26 13.13
CA VAL B 356 -7.25 -1.79 14.00
C VAL B 356 -6.84 -3.16 14.50
N ALA B 357 -7.57 -3.68 15.48
CA ALA B 357 -7.31 -4.98 16.08
C ALA B 357 -8.60 -5.77 16.18
N PRO B 358 -8.53 -7.09 15.99
CA PRO B 358 -9.75 -7.91 16.09
C PRO B 358 -10.27 -7.98 17.52
N GLN B 359 -11.55 -8.33 17.63
CA GLN B 359 -12.21 -8.43 18.93
C GLN B 359 -11.66 -9.64 19.67
N GLY B 360 -10.66 -9.41 20.53
CA GLY B 360 -10.07 -10.49 21.29
C GLY B 360 -8.56 -10.54 21.18
N LEU B 361 -8.05 -10.83 19.99
CA LEU B 361 -6.61 -10.91 19.77
C LEU B 361 -6.00 -9.52 19.76
N ASP B 362 -4.74 -9.43 20.20
CA ASP B 362 -4.02 -8.17 20.22
C ASP B 362 -3.17 -7.96 18.97
N MET B 363 -2.57 -9.04 18.45
CA MET B 363 -1.75 -8.96 17.25
C MET B 363 -2.11 -10.12 16.34
N ALA B 364 -2.53 -9.79 15.11
CA ALA B 364 -2.91 -10.79 14.12
C ALA B 364 -2.12 -10.55 12.85
N ALA B 365 -1.86 -11.65 12.12
CA ALA B 365 -1.10 -11.56 10.88
C ALA B 365 -1.50 -12.73 9.98
N THR B 366 -1.54 -12.45 8.67
CA THR B 366 -1.86 -13.46 7.67
C THR B 366 -0.70 -13.58 6.68
N PHE B 367 -0.69 -14.69 5.96
CA PHE B 367 0.37 -15.00 5.00
C PHE B 367 -0.26 -15.35 3.66
N ILE B 368 0.07 -14.57 2.64
CA ILE B 368 -0.40 -14.81 1.27
C ILE B 368 0.79 -14.72 0.34
N ALA B 369 1.11 -15.83 -0.34
CA ALA B 369 2.25 -15.88 -1.23
C ALA B 369 1.88 -16.68 -2.47
N ASN B 370 2.70 -16.51 -3.52
CA ASN B 370 2.51 -17.20 -4.80
C ASN B 370 3.83 -17.89 -5.16
N SER B 371 4.19 -18.90 -4.38
CA SER B 371 5.44 -19.63 -4.61
C SER B 371 5.28 -20.60 -5.78
N THR B 372 6.41 -21.15 -6.21
CA THR B 372 6.43 -22.11 -7.30
C THR B 372 6.08 -23.52 -6.85
N SER B 373 5.83 -23.74 -5.56
CA SER B 373 5.47 -25.06 -5.05
C SER B 373 4.01 -25.39 -5.23
N ILE B 374 3.22 -24.48 -5.82
CA ILE B 374 1.80 -24.75 -6.02
C ILE B 374 1.58 -25.73 -7.17
N GLN B 375 2.60 -25.95 -8.01
CA GLN B 375 2.47 -26.90 -9.11
C GLN B 375 2.41 -28.35 -8.64
N GLU B 376 2.79 -28.63 -7.40
CA GLU B 376 2.72 -29.99 -6.90
C GLU B 376 1.28 -30.46 -6.75
N LEU B 377 0.38 -29.56 -6.34
CA LEU B 377 -1.03 -29.92 -6.22
C LEU B 377 -1.66 -30.16 -7.59
N PHE B 378 -1.17 -29.46 -8.62
CA PHE B 378 -1.71 -29.65 -9.96
C PHE B 378 -1.19 -30.95 -10.58
N LYS B 379 -0.05 -31.45 -10.12
CA LYS B 379 0.48 -32.70 -10.65
C LYS B 379 -0.25 -33.91 -10.07
N ARG B 380 -0.66 -33.82 -8.81
CA ARG B 380 -1.39 -34.92 -8.19
C ARG B 380 -2.77 -35.09 -8.80
N VAL B 381 -3.41 -33.98 -9.19
CA VAL B 381 -4.72 -34.06 -9.84
C VAL B 381 -4.57 -34.55 -11.28
N GLY B 382 -3.51 -34.13 -11.96
CA GLY B 382 -3.30 -34.55 -13.33
C GLY B 382 -2.98 -36.02 -13.46
N ASP B 383 -2.30 -36.59 -12.47
CA ASP B 383 -1.99 -38.03 -12.52
C ASP B 383 -3.23 -38.87 -12.28
N GLN B 384 -4.10 -38.45 -11.36
CA GLN B 384 -5.33 -39.19 -11.10
C GLN B 384 -6.34 -39.01 -12.23
N PHE B 385 -6.30 -37.87 -12.93
CA PHE B 385 -7.23 -37.66 -14.04
C PHE B 385 -6.82 -38.47 -15.25
N SER B 386 -5.51 -38.55 -15.53
CA SER B 386 -5.03 -39.31 -16.67
C SER B 386 -5.12 -40.82 -16.46
N ALA B 387 -5.04 -41.29 -15.21
CA ALA B 387 -5.13 -42.71 -14.94
C ALA B 387 -6.56 -43.23 -15.12
N MET B 388 -7.56 -42.41 -14.82
CA MET B 388 -8.95 -42.80 -14.97
C MET B 388 -9.51 -42.52 -16.37
N PHE B 389 -8.89 -41.59 -17.11
CA PHE B 389 -9.35 -41.30 -18.46
C PHE B 389 -8.92 -42.37 -19.45
N LYS B 390 -7.85 -43.10 -19.15
CA LYS B 390 -7.39 -44.16 -20.06
C LYS B 390 -8.37 -45.32 -20.08
N ARG B 391 -8.90 -45.69 -18.91
CA ARG B 391 -9.87 -46.77 -18.83
C ARG B 391 -11.29 -46.33 -19.13
N LYS B 392 -11.51 -45.04 -19.35
CA LYS B 392 -12.84 -44.49 -19.65
C LYS B 392 -13.85 -44.83 -18.55
N ALA B 393 -13.41 -44.68 -17.30
CA ALA B 393 -14.27 -44.95 -16.16
C ALA B 393 -15.03 -43.71 -15.76
N PHE B 394 -16.30 -43.88 -15.38
CA PHE B 394 -17.19 -42.79 -14.98
C PHE B 394 -17.30 -41.73 -16.08
N LEU B 395 -17.39 -42.20 -17.33
CA LEU B 395 -17.48 -41.31 -18.48
C LEU B 395 -18.90 -41.16 -19.01
N HIS B 396 -19.73 -42.19 -18.88
CA HIS B 396 -21.10 -42.12 -19.37
C HIS B 396 -21.97 -41.16 -18.56
N TRP B 397 -21.54 -40.81 -17.35
CA TRP B 397 -22.30 -39.85 -16.54
C TRP B 397 -22.19 -38.43 -17.08
N TYR B 398 -21.16 -38.14 -17.87
CA TYR B 398 -20.97 -36.81 -18.45
C TYR B 398 -21.33 -36.74 -19.92
N THR B 399 -20.98 -37.77 -20.70
CA THR B 399 -21.26 -37.76 -22.14
C THR B 399 -22.74 -37.87 -22.44
N SER B 400 -23.54 -38.38 -21.50
CA SER B 400 -24.98 -38.51 -21.71
C SER B 400 -25.72 -37.19 -21.61
N GLU B 401 -25.06 -36.12 -21.17
CA GLU B 401 -25.68 -34.81 -21.03
C GLU B 401 -25.35 -33.88 -22.20
N GLY B 402 -24.13 -33.94 -22.72
CA GLY B 402 -23.75 -33.10 -23.84
C GLY B 402 -22.26 -32.86 -23.92
N MET B 403 -21.48 -33.60 -23.13
CA MET B 403 -20.04 -33.47 -23.14
C MET B 403 -19.44 -34.18 -24.35
N ASP B 404 -18.15 -33.98 -24.56
CA ASP B 404 -17.45 -34.61 -25.68
C ASP B 404 -16.02 -34.90 -25.26
N GLU B 405 -15.42 -35.87 -25.94
CA GLU B 405 -14.04 -36.26 -25.63
C GLU B 405 -13.03 -35.18 -25.98
N LEU B 406 -13.40 -34.24 -26.85
CA LEU B 406 -12.49 -33.16 -27.20
C LEU B 406 -12.36 -32.14 -26.07
N GLU B 407 -13.43 -31.92 -25.31
CA GLU B 407 -13.38 -30.95 -24.23
C GLU B 407 -12.53 -31.45 -23.07
N PHE B 408 -12.52 -32.76 -22.82
CA PHE B 408 -11.68 -33.30 -21.76
C PHE B 408 -10.20 -33.25 -22.13
N SER B 409 -9.89 -33.32 -23.43
CA SER B 409 -8.50 -33.23 -23.85
C SER B 409 -7.97 -31.80 -23.77
N GLU B 410 -8.83 -30.81 -23.99
CA GLU B 410 -8.41 -29.42 -23.90
C GLU B 410 -8.22 -29.01 -22.45
N ALA B 411 -9.04 -29.55 -21.54
CA ALA B 411 -8.89 -29.22 -20.12
C ALA B 411 -7.64 -29.86 -19.54
N GLU B 412 -7.32 -31.08 -19.97
CA GLU B 412 -6.11 -31.74 -19.49
C GLU B 412 -4.85 -31.09 -20.06
N SER B 413 -4.92 -30.59 -21.29
CA SER B 413 -3.76 -29.95 -21.90
C SER B 413 -3.44 -28.62 -21.20
N ASN B 414 -4.46 -27.90 -20.74
CA ASN B 414 -4.21 -26.65 -20.03
C ASN B 414 -3.57 -26.88 -18.67
N MET B 415 -3.80 -28.04 -18.06
CA MET B 415 -3.18 -28.35 -16.78
C MET B 415 -1.69 -28.57 -16.93
N ASN B 416 -1.25 -29.12 -18.06
CA ASN B 416 0.17 -29.32 -18.29
C ASN B 416 0.89 -28.04 -18.68
N ASP B 417 0.18 -27.09 -19.30
CA ASP B 417 0.79 -25.83 -19.68
C ASP B 417 1.01 -24.92 -18.47
N LEU B 418 0.14 -25.01 -17.46
CA LEU B 418 0.32 -24.18 -16.27
C LEU B 418 1.52 -24.63 -15.47
N VAL B 419 1.69 -25.94 -15.28
CA VAL B 419 2.84 -26.45 -14.55
C VAL B 419 4.13 -26.18 -15.30
N SER B 420 4.08 -26.19 -16.64
CA SER B 420 5.28 -25.92 -17.43
C SER B 420 5.73 -24.48 -17.31
N GLU B 421 4.84 -23.56 -16.96
CA GLU B 421 5.23 -22.16 -16.82
C GLU B 421 5.83 -21.87 -15.45
N TYR B 422 5.40 -22.60 -14.41
CA TYR B 422 6.00 -22.40 -13.09
C TYR B 422 7.45 -22.83 -13.05
N GLN B 423 7.84 -23.81 -13.88
CA GLN B 423 9.22 -24.26 -13.94
C GLN B 423 10.12 -23.28 -14.67
N GLN B 424 9.56 -22.43 -15.54
CA GLN B 424 10.38 -21.46 -16.26
C GLN B 424 10.81 -20.32 -15.35
N TYR B 425 9.88 -19.75 -14.58
CA TYR B 425 10.23 -18.67 -13.67
C TYR B 425 10.97 -19.16 -12.44
N GLN B 426 10.89 -20.46 -12.13
CA GLN B 426 11.60 -20.99 -10.98
C GLN B 426 13.09 -21.12 -11.27
N GLU B 427 13.44 -21.77 -12.38
CA GLU B 427 14.82 -21.98 -12.80
C GLU B 427 15.64 -22.71 -11.74
PG GTP C . -0.44 5.47 -2.81
O1G GTP C . -0.94 4.69 -1.61
O2G GTP C . -1.29 5.15 -4.01
O3G GTP C . -0.51 6.95 -2.53
O3B GTP C . 1.09 5.08 -3.11
PB GTP C . 2.24 5.31 -2.01
O1B GTP C . 3.58 4.86 -2.53
O2B GTP C . 2.28 6.76 -1.60
O3A GTP C . 1.78 4.41 -0.75
PA GTP C . 1.75 2.80 -0.86
O1A GTP C . 0.92 2.21 0.26
O2A GTP C . 1.22 2.38 -2.21
O5' GTP C . 3.29 2.37 -0.72
C5' GTP C . 3.99 2.51 0.49
C4' GTP C . 4.90 3.74 0.41
O4' GTP C . 4.22 4.89 0.87
C3' GTP C . 6.13 3.59 1.29
O3' GTP C . 7.23 3.16 0.52
C2' GTP C . 6.38 4.99 1.81
O2' GTP C . 7.48 5.56 1.16
C1' GTP C . 5.11 5.77 1.53
N9 GTP C . 4.46 6.27 2.75
C8 GTP C . 3.11 6.42 2.91
N7 GTP C . 2.85 6.90 4.13
C5 GTP C . 4.02 7.08 4.78
C6 GTP C . 4.30 7.55 6.06
O6 GTP C . 3.40 7.89 6.81
N1 GTP C . 5.61 7.63 6.48
C2 GTP C . 6.63 7.25 5.62
N2 GTP C . 7.89 7.34 6.02
N3 GTP C . 6.33 6.79 4.36
C4 GTP C . 5.05 6.70 3.93
MG MG D . -2.75 6.06 -0.74
PB GDP E . -22.32 -29.91 -4.26
O1B GDP E . -23.03 -31.21 -4.54
O2B GDP E . -22.16 -29.13 -5.55
O3B GDP E . -23.12 -29.08 -3.28
O3A GDP E . -20.87 -30.21 -3.64
PA GDP E . -20.71 -31.18 -2.36
O1A GDP E . -21.16 -32.58 -2.70
O2A GDP E . -21.49 -30.63 -1.19
O5' GDP E . -19.13 -31.14 -2.05
C5' GDP E . -18.56 -32.05 -1.12
C4' GDP E . -17.14 -31.59 -0.78
O4' GDP E . -17.19 -30.32 -0.13
C3' GDP E . -16.44 -32.55 0.15
O3' GDP E . -15.39 -33.25 -0.53
C2' GDP E . -15.87 -31.72 1.27
O2' GDP E . -14.44 -31.85 1.31
C1' GDP E . -16.25 -30.28 0.96
N9 GDP E . -16.88 -29.64 2.14
C8 GDP E . -18.18 -29.71 2.47
N7 GDP E . -18.43 -29.02 3.61
C5 GDP E . -17.26 -28.48 4.03
C6 GDP E . -16.83 -27.64 5.16
O6 GDP E . -17.64 -27.25 6.03
N1 GDP E . -15.53 -27.32 5.23
C2 GDP E . -14.64 -27.73 4.32
N2 GDP E . -13.34 -27.34 4.46
N3 GDP E . -14.97 -28.49 3.25
C4 GDP E . -16.25 -28.90 3.06
O01 TA1 F . -12.42 -19.38 20.88
C01 TA1 F . -11.71 -18.16 21.10
C02 TA1 F . -10.20 -18.51 20.75
O02 TA1 F . -10.29 -18.99 19.37
C03 TA1 F . -10.16 -20.31 19.11
O03 TA1 F . -9.92 -21.15 19.93
C04 TA1 F . -10.40 -20.58 17.66
C05 TA1 F . -11.28 -21.60 17.31
C06 TA1 F . -11.53 -21.87 15.98
C07 TA1 F . -10.92 -21.13 14.99
C08 TA1 F . -10.06 -20.11 15.34
C09 TA1 F . -9.80 -19.83 16.66
C10 TA1 F . -9.09 -17.36 20.81
C11 TA1 F . -8.16 -17.40 19.55
O04 TA1 F . -8.90 -17.12 18.32
C12 TA1 F . -9.47 -15.92 18.08
O05 TA1 F . -9.41 -14.99 18.83
C13 TA1 F . -10.17 -15.94 16.75
C14 TA1 F . -7.36 -18.64 19.17
O06 TA1 F . -6.10 -17.92 19.26
C15 TA1 F . -6.79 -16.68 19.61
C16 TA1 F . -6.31 -16.09 20.93
C17 TA1 F . -7.41 -15.93 21.97
O07 TA1 F . -6.88 -15.43 23.20
C18 TA1 F . -8.23 -17.27 22.14
C19 TA1 F . -7.25 -18.46 22.34
C20 TA1 F . -8.99 -17.10 23.49
O08 TA1 F . -8.70 -17.83 24.43
C21 TA1 F . -10.12 -16.10 23.74
O09 TA1 F . -10.58 -16.29 25.10
C22 TA1 F . -10.40 -15.34 26.05
O10 TA1 F . -9.85 -14.28 25.83
C23 TA1 F . -10.95 -15.78 27.35
C24 TA1 F . -11.19 -16.32 22.72
C25 TA1 F . -11.48 -15.34 21.83
C26 TA1 F . -12.48 -15.68 20.72
O11 TA1 F . -12.42 -14.74 19.59
C27 TA1 F . -13.29 -13.71 19.57
O12 TA1 F . -14.11 -13.48 20.42
C28 TA1 F . -13.10 -12.84 18.32
O13 TA1 F . -14.03 -11.79 18.29
C29 TA1 F . -13.26 -13.69 17.06
N01 TA1 F . -14.55 -14.36 17.09
C30 TA1 F . -14.83 -15.51 16.48
O14 TA1 F . -14.01 -16.10 15.77
C31 TA1 F . -16.18 -16.06 16.72
C32 TA1 F . -17.33 -15.35 16.38
C33 TA1 F . -18.58 -15.88 16.64
C34 TA1 F . -18.70 -17.10 17.26
C35 TA1 F . -17.56 -17.81 17.61
C36 TA1 F . -16.32 -17.29 17.35
C37 TA1 F . -13.09 -12.89 15.76
C38 TA1 F . -11.83 -12.80 15.19
C39 TA1 F . -11.64 -12.08 14.02
C40 TA1 F . -12.71 -11.47 13.40
C41 TA1 F . -13.97 -11.57 13.96
C42 TA1 F . -14.15 -12.27 15.14
C43 TA1 F . -12.21 -17.07 20.10
C44 TA1 F . -10.81 -13.99 21.74
C45 TA1 F . -11.91 -17.71 22.59
C46 TA1 F . -13.42 -17.48 22.90
C47 TA1 F . -11.51 -18.85 23.56
#